data_6H4C
#
_entry.id   6H4C
#
_cell.length_a   144.490
_cell.length_b   144.490
_cell.length_c   149.420
_cell.angle_alpha   90.000
_cell.angle_beta   90.000
_cell.angle_gamma   120.000
#
_symmetry.space_group_name_H-M   'P 3 2 1'
#
loop_
_entity.id
_entity.type
_entity.pdbx_description
1 polymer dUTPase
2 polymer Orf20
3 non-polymer 'MAGNESIUM ION'
4 non-polymer 'NICKEL (II) ION'
5 non-polymer DI(HYDROXYETHYL)ETHER
6 water water
#
loop_
_entity_poly.entity_id
_entity_poly.type
_entity_poly.pdbx_seq_one_letter_code
_entity_poly.pdbx_strand_id
1 'polypeptide(L)'
;MHHHHHHSSGVDLGTENLYFQSMTNTLQVRLLSENARMPERNHKTDAGYDIFSAETVVLEPQEKAVIKTDVAVSIPEGYV
GLLTSRSGVSSKTHLVIETGKIDAGYHGNLGINIKNDAIASNGYITPGVFDIKGEIDLSDAIRQYGTYQINEGDKLAQLV
IVPIWTPELKQVEEFESVSERGEKGFGSSGV
;
A,C,E,G
2 'polypeptide(L)'
;GMEGAGQMAELPTHYGTIIKTLRKYMKLTQSKLSERTGFSQNTISNHENGNRNIGVNEIEIYGKGLGIPSYILHRISDEF
KEKGYSPTLNDFGKFDKMYSYVNKAYYNDGDIYYSSYDLYDETIKLLELLKESKINVNDIDYDYVLKLYKQILSTDT
;
B,D,F,H
#
loop_
_chem_comp.id
_chem_comp.type
_chem_comp.name
_chem_comp.formula
MG non-polymer 'MAGNESIUM ION' 'Mg 2'
NI non-polymer 'NICKEL (II) ION' 'Ni 2'
PEG non-polymer DI(HYDROXYETHYL)ETHER 'C4 H10 O3'
#
# COMPACT_ATOMS: atom_id res chain seq x y z
N THR A 24 -0.38 17.61 -8.86
CA THR A 24 1.03 17.19 -8.87
C THR A 24 1.58 17.12 -7.46
N ASN A 25 1.03 17.92 -6.56
CA ASN A 25 1.49 17.86 -5.20
C ASN A 25 0.41 17.61 -4.18
N THR A 26 -0.60 16.86 -4.58
CA THR A 26 -1.63 16.48 -3.62
C THR A 26 -1.79 14.96 -3.61
N LEU A 27 -1.87 14.35 -2.44
CA LEU A 27 -2.20 12.94 -2.33
C LEU A 27 -3.70 12.72 -1.97
N GLN A 28 -4.52 12.23 -2.91
CA GLN A 28 -5.84 11.59 -2.65
C GLN A 28 -5.94 10.52 -1.58
N VAL A 29 -6.86 10.71 -0.65
CA VAL A 29 -7.14 9.83 0.49
C VAL A 29 -8.65 9.46 0.60
N ARG A 30 -8.95 8.19 0.89
CA ARG A 30 -10.31 7.79 1.23
C ARG A 30 -10.49 7.30 2.66
N LEU A 31 -11.49 7.84 3.35
CA LEU A 31 -11.82 7.35 4.69
C LEU A 31 -12.90 6.29 4.54
N LEU A 32 -12.59 5.08 5.03
CA LEU A 32 -13.42 3.93 4.74
C LEU A 32 -14.46 3.63 5.82
N SER A 33 -14.42 4.39 6.92
CA SER A 33 -15.36 4.19 8.02
C SER A 33 -15.29 5.29 9.05
N GLU A 34 -16.31 5.37 9.90
CA GLU A 34 -16.35 6.33 10.98
C GLU A 34 -15.24 6.10 12.02
N ASN A 35 -14.54 4.98 11.93
CA ASN A 35 -13.39 4.72 12.78
C ASN A 35 -12.05 5.13 12.16
N ALA A 36 -12.09 5.65 10.93
CA ALA A 36 -10.87 6.08 10.24
C ALA A 36 -10.49 7.47 10.69
N ARG A 37 -9.20 7.77 10.65
CA ARG A 37 -8.70 9.08 11.00
C ARG A 37 -7.79 9.57 9.88
N MET A 38 -7.97 10.84 9.48
CA MET A 38 -7.10 11.44 8.48
C MET A 38 -5.66 11.43 9.00
N PRO A 39 -4.72 10.99 8.16
CA PRO A 39 -3.27 11.00 8.48
C PRO A 39 -2.76 12.38 8.91
N GLU A 40 -1.79 12.41 9.84
CA GLU A 40 -1.36 13.68 10.44
C GLU A 40 0.12 13.99 10.25
N ARG A 41 0.42 15.27 10.06
CA ARG A 41 1.80 15.74 9.91
C ARG A 41 2.03 16.99 10.75
N ASN A 42 3.12 16.98 11.50
CA ASN A 42 3.46 18.11 12.37
C ASN A 42 3.97 19.31 11.59
N HIS A 43 5.11 19.16 10.92
CA HIS A 43 5.72 20.18 10.09
C HIS A 43 5.75 19.77 8.64
N LYS A 44 5.79 20.76 7.77
CA LYS A 44 5.81 20.52 6.34
C LYS A 44 7.07 19.72 5.93
N THR A 45 8.17 19.94 6.64
CA THR A 45 9.43 19.27 6.33
C THR A 45 9.55 17.83 6.83
N ASP A 46 8.62 17.37 7.67
CA ASP A 46 8.76 16.02 8.22
C ASP A 46 8.67 14.96 7.11
N ALA A 47 9.34 13.83 7.34
CA ALA A 47 9.42 12.77 6.34
C ALA A 47 8.11 12.00 6.10
N GLY A 48 7.29 11.82 7.14
CA GLY A 48 6.11 10.99 6.97
C GLY A 48 4.82 11.53 7.57
N TYR A 49 3.72 10.83 7.30
CA TYR A 49 2.42 11.10 7.91
C TYR A 49 2.13 10.02 8.94
N ASP A 50 1.69 10.42 10.13
CA ASP A 50 1.36 9.43 11.16
C ASP A 50 0.01 8.78 10.79
N ILE A 51 -0.11 7.49 11.09
CA ILE A 51 -1.20 6.63 10.63
C ILE A 51 -1.84 5.97 11.86
N PHE A 52 -3.17 5.88 11.88
CA PHE A 52 -3.88 5.46 13.09
C PHE A 52 -4.58 4.09 12.96
N SER A 53 -4.58 3.31 14.06
CA SER A 53 -5.33 2.06 14.12
C SER A 53 -6.83 2.32 14.14
N ALA A 54 -7.58 1.60 13.32
CA ALA A 54 -9.03 1.72 13.33
C ALA A 54 -9.67 0.59 14.13
N GLU A 55 -8.87 -0.18 14.88
CA GLU A 55 -9.45 -1.29 15.63
C GLU A 55 -8.70 -1.62 16.92
N THR A 56 -9.33 -2.45 17.74
CA THR A 56 -8.78 -2.84 19.03
C THR A 56 -8.38 -4.28 18.93
N VAL A 57 -7.12 -4.57 19.27
CA VAL A 57 -6.53 -5.89 19.06
C VAL A 57 -5.64 -6.27 20.24
N VAL A 58 -5.85 -7.46 20.81
CA VAL A 58 -4.96 -7.94 21.87
C VAL A 58 -3.91 -8.92 21.31
N LEU A 59 -2.63 -8.65 21.55
CA LEU A 59 -1.55 -9.53 21.09
C LEU A 59 -0.78 -10.13 22.24
N GLU A 60 -0.97 -11.43 22.47
CA GLU A 60 -0.16 -12.13 23.45
C GLU A 60 1.24 -12.32 22.86
N PRO A 61 2.24 -12.66 23.72
CA PRO A 61 3.60 -12.88 23.18
C PRO A 61 3.63 -13.80 21.95
N GLN A 62 4.40 -13.37 20.93
CA GLN A 62 4.62 -14.13 19.69
C GLN A 62 3.42 -14.21 18.75
N GLU A 63 2.40 -13.41 19.01
CA GLU A 63 1.21 -13.32 18.17
C GLU A 63 1.42 -12.33 16.99
N LYS A 64 0.85 -12.64 15.83
CA LYS A 64 1.00 -11.80 14.64
C LYS A 64 -0.37 -11.33 14.17
N ALA A 65 -0.42 -10.20 13.46
CA ALA A 65 -1.67 -9.71 12.89
C ALA A 65 -1.41 -8.65 11.84
N VAL A 66 -2.40 -8.42 10.98
CA VAL A 66 -2.40 -7.23 10.13
C VAL A 66 -3.56 -6.32 10.56
N ILE A 67 -3.20 -5.20 11.19
CA ILE A 67 -4.14 -4.28 11.76
C ILE A 67 -4.66 -3.26 10.75
N LYS A 68 -5.98 -3.14 10.67
CA LYS A 68 -6.59 -2.32 9.63
C LYS A 68 -6.64 -0.85 10.05
N THR A 69 -6.49 0.03 9.05
CA THR A 69 -6.53 1.48 9.28
C THR A 69 -7.81 2.13 8.77
N ASP A 70 -8.53 1.44 7.88
CA ASP A 70 -9.72 1.97 7.23
C ASP A 70 -9.38 3.25 6.46
N VAL A 71 -8.18 3.26 5.89
CA VAL A 71 -7.73 4.35 5.04
C VAL A 71 -7.17 3.78 3.72
N ALA A 72 -7.56 4.38 2.60
CA ALA A 72 -6.97 4.02 1.32
C ALA A 72 -6.32 5.26 0.74
N VAL A 73 -5.18 5.08 0.06
CA VAL A 73 -4.58 6.19 -0.68
C VAL A 73 -4.32 5.83 -2.14
N SER A 74 -4.05 6.85 -2.95
CA SER A 74 -3.65 6.62 -4.33
C SER A 74 -2.20 7.11 -4.56
N ILE A 75 -1.21 6.23 -4.34
CA ILE A 75 0.20 6.54 -4.60
C ILE A 75 0.35 6.73 -6.10
N PRO A 76 0.95 7.85 -6.53
CA PRO A 76 1.02 8.08 -7.97
C PRO A 76 2.15 7.30 -8.68
N GLU A 77 1.96 7.01 -9.96
CA GLU A 77 2.98 6.35 -10.79
C GLU A 77 4.36 6.95 -10.60
N GLY A 78 5.37 6.13 -10.44
CA GLY A 78 6.74 6.59 -10.23
C GLY A 78 7.19 6.67 -8.78
N TYR A 79 6.35 6.19 -7.84
CA TYR A 79 6.64 6.19 -6.42
C TYR A 79 6.20 4.87 -5.77
N VAL A 80 6.67 4.64 -4.54
CA VAL A 80 6.18 3.57 -3.68
C VAL A 80 5.89 4.20 -2.28
N GLY A 81 4.82 3.77 -1.62
CA GLY A 81 4.55 4.18 -0.25
C GLY A 81 5.19 3.23 0.75
N LEU A 82 5.83 3.76 1.77
CA LEU A 82 6.42 2.93 2.82
C LEU A 82 5.66 3.08 4.14
N LEU A 83 5.07 1.96 4.58
CA LEU A 83 4.25 1.91 5.78
C LEU A 83 5.12 1.28 6.87
N THR A 84 5.72 2.13 7.70
CA THR A 84 6.86 1.73 8.52
C THR A 84 6.74 2.16 10.00
N SER A 85 7.68 1.73 10.83
CA SER A 85 7.59 1.96 12.28
C SER A 85 7.95 3.40 12.77
N ARG A 86 7.61 3.68 14.02
CA ARG A 86 7.92 4.94 14.67
C ARG A 86 8.97 4.67 15.75
N SER A 87 9.80 5.66 16.09
CA SER A 87 10.92 5.45 17.01
C SER A 87 10.43 5.11 18.41
N GLY A 88 9.59 5.99 18.96
CA GLY A 88 9.03 5.81 20.29
C GLY A 88 8.42 4.43 20.53
N VAL A 89 7.48 4.04 19.67
CA VAL A 89 6.86 2.72 19.75
C VAL A 89 7.86 1.57 19.62
N SER A 90 8.74 1.62 18.62
CA SER A 90 9.62 0.47 18.43
C SER A 90 10.72 0.33 19.52
N SER A 91 11.19 1.43 20.09
CA SER A 91 12.23 1.34 21.11
C SER A 91 11.73 1.04 22.51
N LYS A 92 10.48 1.42 22.81
CA LYS A 92 9.93 1.20 24.16
C LYS A 92 8.99 -0.01 24.28
N THR A 93 8.64 -0.67 23.18
CA THR A 93 7.80 -1.88 23.25
C THR A 93 8.42 -3.03 22.46
N HIS A 94 7.81 -4.22 22.58
CA HIS A 94 8.22 -5.39 21.78
C HIS A 94 7.41 -5.53 20.47
N LEU A 95 6.60 -4.52 20.13
CA LEU A 95 5.81 -4.58 18.91
C LEU A 95 6.70 -4.32 17.69
N VAL A 96 6.77 -5.28 16.78
CA VAL A 96 7.65 -5.17 15.62
C VAL A 96 6.80 -5.04 14.36
N ILE A 97 7.02 -3.95 13.63
CA ILE A 97 6.34 -3.72 12.35
C ILE A 97 7.23 -3.99 11.13
N GLU A 98 6.77 -4.87 10.26
CA GLU A 98 7.48 -5.12 9.02
C GLU A 98 7.02 -4.12 7.97
N THR A 99 7.96 -3.37 7.39
CA THR A 99 7.59 -2.28 6.48
C THR A 99 6.79 -2.76 5.24
N GLY A 100 5.59 -2.18 5.08
CA GLY A 100 4.75 -2.47 3.92
C GLY A 100 5.14 -1.64 2.72
N LYS A 101 5.33 -2.30 1.59
CA LYS A 101 5.53 -1.61 0.32
C LYS A 101 4.21 -1.42 -0.41
N ILE A 102 3.69 -0.20 -0.45
CA ILE A 102 2.40 0.09 -1.10
C ILE A 102 2.55 0.48 -2.59
N ASP A 103 2.08 -0.37 -3.49
CA ASP A 103 2.18 -0.11 -4.94
C ASP A 103 1.31 1.07 -5.38
N ALA A 104 1.80 1.84 -6.34
CA ALA A 104 0.95 2.76 -7.10
C ALA A 104 -0.26 1.98 -7.64
N GLY A 105 -1.47 2.48 -7.43
CA GLY A 105 -2.63 1.73 -7.88
C GLY A 105 -3.27 0.81 -6.84
N TYR A 106 -2.61 0.53 -5.72
CA TYR A 106 -3.31 -0.17 -4.65
C TYR A 106 -4.29 0.79 -3.99
N HIS A 107 -5.57 0.43 -4.04
CA HIS A 107 -6.62 1.32 -3.54
C HIS A 107 -7.43 0.72 -2.41
N GLY A 108 -6.95 -0.39 -1.83
CA GLY A 108 -7.63 -1.03 -0.72
C GLY A 108 -7.32 -0.40 0.64
N ASN A 109 -7.88 -1.03 1.68
CA ASN A 109 -7.65 -0.66 3.07
C ASN A 109 -6.15 -0.86 3.46
N LEU A 110 -5.47 0.18 3.94
CA LEU A 110 -4.09 0.01 4.42
C LEU A 110 -4.02 -0.87 5.67
N GLY A 111 -3.08 -1.81 5.67
CA GLY A 111 -2.89 -2.71 6.80
C GLY A 111 -1.48 -2.65 7.36
N ILE A 112 -1.37 -2.69 8.70
CA ILE A 112 -0.08 -2.64 9.37
C ILE A 112 0.34 -4.04 9.85
N ASN A 113 1.50 -4.50 9.36
CA ASN A 113 1.96 -5.86 9.58
C ASN A 113 2.80 -5.95 10.86
N ILE A 114 2.29 -6.64 11.87
CA ILE A 114 2.86 -6.49 13.21
C ILE A 114 3.06 -7.82 13.91
N LYS A 115 4.02 -7.87 14.83
CA LYS A 115 4.26 -9.03 15.69
C LYS A 115 4.61 -8.58 17.12
N ASN A 116 4.04 -9.24 18.12
CA ASN A 116 4.51 -9.04 19.49
C ASN A 116 5.67 -9.99 19.65
N ASP A 117 6.90 -9.46 19.67
CA ASP A 117 8.06 -10.34 19.64
C ASP A 117 8.63 -10.56 21.04
N ALA A 118 7.86 -10.18 22.05
CA ALA A 118 8.14 -10.64 23.41
C ALA A 118 8.05 -12.19 23.50
N ILE A 119 8.75 -12.75 24.47
CA ILE A 119 8.77 -14.19 24.65
C ILE A 119 8.08 -14.53 25.98
N ALA A 120 7.09 -15.40 25.98
CA ALA A 120 6.39 -15.68 27.24
C ALA A 120 7.29 -16.35 28.26
N SER A 121 7.06 -15.99 29.52
CA SER A 121 7.76 -16.62 30.61
C SER A 121 6.81 -17.54 31.36
N ASN A 122 7.15 -18.83 31.39
CA ASN A 122 6.48 -19.87 32.19
C ASN A 122 5.12 -19.57 32.82
N GLY A 123 5.14 -19.30 34.12
CA GLY A 123 3.92 -19.05 34.85
C GLY A 123 3.75 -17.61 35.26
N TYR A 124 4.30 -16.69 34.48
CA TYR A 124 4.21 -15.28 34.79
C TYR A 124 2.94 -14.70 34.16
N ILE A 125 1.91 -14.44 34.99
CA ILE A 125 0.60 -13.98 34.49
C ILE A 125 0.17 -12.68 35.16
N THR A 126 -0.85 -12.01 34.59
CA THR A 126 -1.29 -10.70 35.09
C THR A 126 -2.66 -10.28 34.55
N PRO A 127 -3.40 -9.42 35.29
CA PRO A 127 -4.63 -8.79 34.81
C PRO A 127 -4.38 -7.46 34.11
N GLY A 128 -3.11 -7.06 34.04
CA GLY A 128 -2.70 -5.91 33.26
C GLY A 128 -2.37 -6.25 31.82
N VAL A 129 -2.44 -5.22 30.96
CA VAL A 129 -1.86 -5.27 29.61
C VAL A 129 -0.96 -4.04 29.37
N PHE A 130 0.08 -4.22 28.56
CA PHE A 130 0.94 -3.13 28.13
C PHE A 130 0.23 -2.36 27.01
N ASP A 131 0.35 -1.03 27.03
CA ASP A 131 -0.16 -0.27 25.90
C ASP A 131 0.99 0.15 24.98
N ILE A 132 0.65 0.87 23.92
CA ILE A 132 1.60 1.28 22.90
C ILE A 132 2.66 2.31 23.38
N LYS A 133 2.52 2.80 24.61
CA LYS A 133 3.52 3.67 25.26
C LYS A 133 4.40 2.91 26.24
N GLY A 134 4.17 1.61 26.37
CA GLY A 134 4.85 0.82 27.37
C GLY A 134 4.30 1.01 28.79
N GLU A 135 3.09 1.55 28.92
CA GLU A 135 2.48 1.72 30.22
C GLU A 135 1.51 0.55 30.48
N ILE A 136 1.19 0.32 31.75
CA ILE A 136 0.33 -0.78 32.13
C ILE A 136 -1.04 -0.32 32.61
N ASP A 137 -2.09 -0.97 32.12
CA ASP A 137 -3.44 -0.73 32.62
C ASP A 137 -4.12 -2.06 32.96
N LEU A 138 -5.11 -1.99 33.86
CA LEU A 138 -5.91 -3.16 34.22
C LEU A 138 -6.84 -3.57 33.07
N SER A 139 -6.88 -4.86 32.75
CA SER A 139 -7.69 -5.37 31.63
C SER A 139 -8.85 -6.23 32.16
N ASP A 140 -9.50 -6.99 31.28
CA ASP A 140 -10.68 -7.80 31.64
C ASP A 140 -10.41 -9.30 31.85
N ALA A 141 -9.13 -9.70 31.81
CA ALA A 141 -8.77 -11.12 31.85
C ALA A 141 -7.36 -11.35 32.40
N ILE A 142 -7.09 -12.59 32.82
CA ILE A 142 -5.75 -13.02 33.21
C ILE A 142 -5.00 -13.49 31.97
N ARG A 143 -3.89 -12.82 31.66
CA ARG A 143 -3.10 -13.18 30.48
C ARG A 143 -1.62 -13.34 30.81
N GLN A 144 -0.86 -13.92 29.86
CA GLN A 144 0.58 -14.02 30.00
C GLN A 144 1.19 -12.62 30.13
N TYR A 145 2.12 -12.46 31.06
CA TYR A 145 2.84 -11.21 31.20
C TYR A 145 3.60 -10.89 29.91
N GLY A 146 3.47 -9.66 29.42
CA GLY A 146 4.05 -9.25 28.16
C GLY A 146 3.06 -9.14 27.01
N THR A 147 1.77 -9.29 27.31
CA THR A 147 0.71 -9.10 26.34
C THR A 147 0.48 -7.61 26.11
N TYR A 148 0.13 -7.23 24.89
CA TYR A 148 -0.12 -5.83 24.52
C TYR A 148 -1.53 -5.64 24.06
N GLN A 149 -2.06 -4.44 24.25
CA GLN A 149 -3.36 -4.14 23.66
C GLN A 149 -3.24 -2.91 22.80
N ILE A 150 -3.59 -3.07 21.53
CA ILE A 150 -3.64 -1.94 20.63
C ILE A 150 -5.06 -1.41 20.63
N ASN A 151 -5.20 -0.11 20.85
CA ASN A 151 -6.50 0.54 20.92
C ASN A 151 -6.84 1.29 19.63
N GLU A 152 -8.13 1.36 19.31
CA GLU A 152 -8.60 2.19 18.21
C GLU A 152 -8.15 3.63 18.45
N GLY A 153 -7.61 4.28 17.44
CA GLY A 153 -7.02 5.59 17.62
C GLY A 153 -5.53 5.64 17.91
N ASP A 154 -4.89 4.50 18.15
CA ASP A 154 -3.44 4.49 18.45
C ASP A 154 -2.59 4.87 17.25
N LYS A 155 -1.61 5.73 17.51
CA LYS A 155 -0.73 6.27 16.50
C LYS A 155 0.46 5.31 16.34
N LEU A 156 0.26 4.30 15.49
CA LEU A 156 1.06 3.06 15.48
C LEU A 156 2.20 3.05 14.44
N ALA A 157 1.94 3.64 13.28
CA ALA A 157 2.85 3.57 12.14
C ALA A 157 2.91 4.93 11.44
N GLN A 158 3.73 5.04 10.40
CA GLN A 158 3.78 6.27 9.59
C GLN A 158 3.97 5.95 8.12
N LEU A 159 3.47 6.83 7.25
CA LEU A 159 3.60 6.69 5.80
C LEU A 159 4.66 7.62 5.16
N VAL A 160 5.73 7.01 4.64
CA VAL A 160 6.79 7.74 3.92
C VAL A 160 6.75 7.40 2.43
N ILE A 161 6.80 8.41 1.57
CA ILE A 161 6.66 8.20 0.12
C ILE A 161 7.92 8.62 -0.65
N VAL A 162 8.48 7.70 -1.43
CA VAL A 162 9.75 7.93 -2.15
C VAL A 162 9.69 7.51 -3.62
N PRO A 163 10.41 8.23 -4.50
CA PRO A 163 10.52 7.97 -5.95
C PRO A 163 11.20 6.66 -6.25
N ILE A 164 10.85 6.00 -7.36
CA ILE A 164 11.42 4.71 -7.71
C ILE A 164 11.86 4.66 -9.17
N TRP A 165 12.83 3.79 -9.43
CA TRP A 165 13.27 3.49 -10.79
C TRP A 165 12.61 2.19 -11.22
N THR A 166 11.88 2.19 -12.34
CA THR A 166 11.30 0.95 -12.83
C THR A 166 11.68 0.62 -14.28
N PRO A 167 12.91 0.14 -14.46
CA PRO A 167 13.42 -0.08 -15.82
C PRO A 167 12.92 -1.37 -16.46
N GLU A 168 13.28 -1.56 -17.73
CA GLU A 168 13.07 -2.82 -18.41
C GLU A 168 14.26 -3.71 -18.09
N LEU A 169 14.03 -5.02 -18.06
CA LEU A 169 15.14 -5.94 -17.84
C LEU A 169 15.77 -6.35 -19.19
N LYS A 170 17.10 -6.44 -19.20
CA LYS A 170 17.84 -7.04 -20.33
C LYS A 170 18.81 -8.08 -19.78
N GLN A 171 18.59 -9.34 -20.14
CA GLN A 171 19.54 -10.40 -19.85
C GLN A 171 20.82 -10.23 -20.67
N VAL A 172 21.96 -10.37 -20.00
CA VAL A 172 23.27 -10.23 -20.63
C VAL A 172 24.18 -11.37 -20.17
N GLU A 173 25.27 -11.61 -20.89
CA GLU A 173 26.21 -12.67 -20.51
C GLU A 173 27.32 -12.07 -19.66
N GLU A 174 27.64 -10.81 -19.91
CA GLU A 174 28.63 -10.11 -19.12
C GLU A 174 28.18 -8.66 -18.93
N PHE A 175 28.35 -8.12 -17.74
CA PHE A 175 28.02 -6.71 -17.56
C PHE A 175 29.02 -5.85 -18.31
N GLU A 176 28.59 -4.65 -18.68
CA GLU A 176 29.50 -3.53 -18.86
C GLU A 176 28.65 -2.29 -18.98
N ALA B 9 -17.51 15.64 2.50
CA ALA B 9 -17.98 15.27 3.82
C ALA B 9 -18.19 16.50 4.73
N GLU B 10 -19.23 16.43 5.55
CA GLU B 10 -19.51 17.50 6.50
C GLU B 10 -18.75 17.25 7.80
N LEU B 11 -18.24 18.32 8.41
CA LEU B 11 -17.70 18.25 9.77
C LEU B 11 -18.68 18.86 10.78
N PRO B 12 -18.58 18.47 12.07
CA PRO B 12 -19.46 19.00 13.11
C PRO B 12 -19.52 20.53 13.18
N THR B 13 -20.70 21.01 13.57
CA THR B 13 -20.97 22.42 13.67
C THR B 13 -19.99 23.19 14.58
N HIS B 14 -19.54 22.54 15.65
CA HIS B 14 -18.67 23.21 16.63
C HIS B 14 -17.29 23.61 16.09
N TYR B 15 -16.92 23.16 14.89
CA TYR B 15 -15.68 23.65 14.27
C TYR B 15 -15.77 25.17 14.02
N GLY B 16 -16.98 25.67 13.80
CA GLY B 16 -17.18 27.10 13.61
C GLY B 16 -16.72 27.93 14.81
N THR B 17 -17.00 27.42 15.99
CA THR B 17 -16.51 28.00 17.23
C THR B 17 -14.98 27.97 17.28
N ILE B 18 -14.39 26.80 17.01
CA ILE B 18 -12.93 26.63 16.99
C ILE B 18 -12.28 27.62 16.05
N ILE B 19 -12.84 27.78 14.86
CA ILE B 19 -12.26 28.71 13.89
C ILE B 19 -12.39 30.18 14.32
N LYS B 20 -13.59 30.58 14.74
CA LYS B 20 -13.80 31.94 15.22
C LYS B 20 -12.88 32.28 16.39
N THR B 21 -12.82 31.41 17.39
CA THR B 21 -12.11 31.69 18.64
C THR B 21 -10.62 31.88 18.38
N LEU B 22 -10.15 31.19 17.34
CA LEU B 22 -8.72 31.02 17.04
C LEU B 22 -8.29 32.10 16.08
N ARG B 23 -9.26 32.60 15.33
CA ARG B 23 -9.03 33.70 14.42
C ARG B 23 -8.82 34.96 15.24
N LYS B 24 -9.63 35.09 16.29
CA LYS B 24 -9.51 36.21 17.22
C LYS B 24 -8.20 36.13 17.98
N TYR B 25 -7.84 34.93 18.44
CA TYR B 25 -6.58 34.74 19.18
C TYR B 25 -5.36 35.17 18.37
N MET B 26 -5.35 34.84 17.08
CA MET B 26 -4.25 35.27 16.22
C MET B 26 -4.37 36.75 15.79
N LYS B 27 -5.32 37.47 16.40
CA LYS B 27 -5.54 38.88 16.09
C LYS B 27 -5.78 39.09 14.59
N LEU B 28 -6.65 38.27 14.01
CA LEU B 28 -7.04 38.39 12.61
C LEU B 28 -8.50 38.85 12.45
N THR B 29 -8.76 39.62 11.40
CA THR B 29 -10.13 40.00 11.07
C THR B 29 -10.71 38.99 10.07
N GLN B 30 -12.03 38.96 9.92
CA GLN B 30 -12.66 38.08 8.93
C GLN B 30 -12.16 38.39 7.54
N SER B 31 -11.91 39.67 7.30
CA SER B 31 -11.41 40.13 6.02
C SER B 31 -9.97 39.68 5.77
N LYS B 32 -9.11 39.87 6.76
CA LYS B 32 -7.71 39.45 6.63
C LYS B 32 -7.59 37.96 6.37
N LEU B 33 -8.44 37.17 7.04
CA LEU B 33 -8.44 35.71 6.86
C LEU B 33 -8.96 35.32 5.49
N SER B 34 -9.85 36.14 4.93
CA SER B 34 -10.29 35.95 3.55
C SER B 34 -9.13 36.19 2.60
N GLU B 35 -8.32 37.20 2.89
CA GLU B 35 -7.14 37.49 2.08
C GLU B 35 -6.08 36.39 2.21
N ARG B 36 -6.14 35.61 3.28
CA ARG B 36 -5.11 34.60 3.55
C ARG B 36 -5.57 33.18 3.19
N THR B 37 -6.88 32.95 3.18
CA THR B 37 -7.36 31.61 2.83
C THR B 37 -7.96 31.58 1.43
N GLY B 38 -8.48 32.72 0.99
CA GLY B 38 -9.14 32.81 -0.31
C GLY B 38 -10.61 32.46 -0.24
N PHE B 39 -11.25 32.79 0.89
CA PHE B 39 -12.66 32.47 1.06
C PHE B 39 -13.49 33.76 1.19
N SER B 40 -14.74 33.67 0.77
CA SER B 40 -15.58 34.86 0.76
C SER B 40 -16.00 35.22 2.19
N GLN B 41 -15.88 36.50 2.57
CA GLN B 41 -16.21 36.91 3.94
C GLN B 41 -17.57 36.38 4.35
N ASN B 42 -18.46 36.18 3.38
CA ASN B 42 -19.77 35.60 3.65
C ASN B 42 -19.69 34.15 4.06
N THR B 43 -18.84 33.40 3.36
CA THR B 43 -18.64 31.98 3.70
C THR B 43 -17.97 31.83 5.06
N ILE B 44 -16.91 32.61 5.31
CA ILE B 44 -16.27 32.59 6.63
C ILE B 44 -17.31 32.84 7.72
N SER B 45 -18.17 33.83 7.50
CA SER B 45 -19.19 34.16 8.48
C SER B 45 -20.13 32.98 8.75
N ASN B 46 -20.58 32.32 7.69
CA ASN B 46 -21.55 31.22 7.81
C ASN B 46 -20.97 29.94 8.38
N HIS B 47 -19.66 29.84 8.19
CA HIS B 47 -18.77 28.81 8.70
C HIS B 47 -18.67 28.87 10.20
N GLU B 48 -18.36 30.06 10.71
CA GLU B 48 -18.23 30.28 12.16
C GLU B 48 -19.56 30.31 12.91
N ASN B 49 -20.55 30.88 12.22
CA ASN B 49 -21.91 31.02 12.66
C ASN B 49 -22.68 29.67 12.77
N GLY B 50 -22.42 28.74 11.85
CA GLY B 50 -22.95 27.40 11.98
C GLY B 50 -23.95 27.00 10.91
N ASN B 51 -24.37 27.95 10.05
CA ASN B 51 -25.30 27.64 8.96
C ASN B 51 -24.65 26.77 7.88
N ARG B 52 -23.46 27.13 7.42
CA ARG B 52 -22.73 26.25 6.52
C ARG B 52 -21.81 25.32 7.33
N ASN B 53 -21.96 24.00 7.13
CA ASN B 53 -20.99 23.03 7.64
C ASN B 53 -19.66 23.08 6.90
N ILE B 54 -18.58 22.72 7.59
CA ILE B 54 -17.25 22.72 6.97
C ILE B 54 -16.80 21.31 6.53
N GLY B 55 -16.10 21.28 5.39
CA GLY B 55 -15.56 20.03 4.88
C GLY B 55 -14.15 19.79 5.36
N VAL B 56 -13.74 18.52 5.35
CA VAL B 56 -12.42 18.12 5.82
C VAL B 56 -11.29 18.80 5.04
N ASN B 57 -11.53 19.07 3.76
CA ASN B 57 -10.52 19.73 2.96
C ASN B 57 -10.44 21.22 3.24
N GLU B 58 -11.52 21.79 3.74
CA GLU B 58 -11.53 23.21 4.07
C GLU B 58 -10.75 23.51 5.34
N ILE B 59 -10.78 22.59 6.30
CA ILE B 59 -10.02 22.75 7.54
C ILE B 59 -8.52 22.84 7.28
N GLU B 60 -8.01 22.08 6.33
CA GLU B 60 -6.60 22.18 5.97
C GLU B 60 -6.26 23.60 5.53
N ILE B 61 -7.15 24.22 4.76
CA ILE B 61 -6.97 25.59 4.28
C ILE B 61 -7.04 26.66 5.38
N TYR B 62 -7.99 26.50 6.31
CA TYR B 62 -8.06 27.41 7.44
C TYR B 62 -6.77 27.35 8.27
N GLY B 63 -6.30 26.13 8.54
CA GLY B 63 -5.09 25.94 9.32
C GLY B 63 -3.88 26.66 8.74
N LYS B 64 -3.69 26.51 7.43
CA LYS B 64 -2.65 27.26 6.74
C LYS B 64 -2.85 28.77 6.95
N GLY B 65 -4.08 29.24 6.79
CA GLY B 65 -4.41 30.65 6.98
C GLY B 65 -4.21 31.19 8.38
N LEU B 66 -4.51 30.39 9.39
CA LEU B 66 -4.32 30.82 10.77
C LEU B 66 -2.87 30.69 11.24
N GLY B 67 -2.05 29.93 10.50
CA GLY B 67 -0.67 29.69 10.88
C GLY B 67 -0.56 28.66 11.99
N ILE B 68 -1.40 27.63 11.89
CA ILE B 68 -1.52 26.61 12.91
C ILE B 68 -1.71 25.28 12.19
N PRO B 69 -0.88 24.27 12.51
CA PRO B 69 -1.03 22.91 11.94
C PRO B 69 -2.45 22.39 12.15
N SER B 70 -3.13 22.07 11.05
CA SER B 70 -4.55 21.78 11.10
C SER B 70 -4.90 20.56 11.98
N TYR B 71 -3.92 19.70 12.30
CA TYR B 71 -4.23 18.51 13.09
C TYR B 71 -4.66 18.93 14.49
N ILE B 72 -4.15 20.08 14.93
CA ILE B 72 -4.49 20.63 16.23
C ILE B 72 -5.97 21.01 16.33
N LEU B 73 -6.55 21.48 15.22
CA LEU B 73 -7.98 21.81 15.18
C LEU B 73 -8.83 20.56 15.37
N HIS B 74 -8.39 19.42 14.82
CA HIS B 74 -9.11 18.17 15.03
C HIS B 74 -8.95 17.64 16.47
N ARG B 75 -7.81 17.93 17.10
CA ARG B 75 -7.61 17.51 18.49
C ARG B 75 -8.50 18.32 19.44
N ILE B 76 -8.68 19.61 19.14
CA ILE B 76 -9.60 20.46 19.91
C ILE B 76 -11.04 19.96 19.74
N SER B 77 -11.39 19.49 18.54
CA SER B 77 -12.71 18.91 18.32
C SER B 77 -12.92 17.66 19.19
N ASP B 78 -11.92 16.79 19.23
CA ASP B 78 -12.00 15.62 20.09
C ASP B 78 -12.29 15.96 21.55
N GLU B 79 -11.81 17.12 22.00
CA GLU B 79 -12.10 17.54 23.37
C GLU B 79 -13.57 17.93 23.54
N PHE B 80 -14.07 18.72 22.60
CA PHE B 80 -15.50 18.97 22.49
C PHE B 80 -16.31 17.68 22.57
N LYS B 81 -16.00 16.71 21.74
CA LYS B 81 -16.78 15.47 21.68
C LYS B 81 -16.78 14.69 23.00
N GLU B 82 -15.71 14.82 23.77
CA GLU B 82 -15.56 14.10 25.03
C GLU B 82 -16.13 14.81 26.26
N LYS B 83 -16.08 16.14 26.27
CA LYS B 83 -16.34 16.90 27.48
C LYS B 83 -17.24 18.11 27.26
N GLY B 84 -17.77 18.24 26.04
CA GLY B 84 -18.73 19.30 25.77
C GLY B 84 -18.12 20.66 25.49
N TYR B 85 -16.89 20.85 25.96
CA TYR B 85 -16.12 22.09 25.73
C TYR B 85 -14.63 21.73 25.62
N SER B 86 -13.77 22.70 25.38
CA SER B 86 -12.35 22.39 25.21
C SER B 86 -11.39 23.17 26.11
N PRO B 87 -10.78 22.47 27.08
CA PRO B 87 -9.84 23.13 28.01
C PRO B 87 -8.60 23.68 27.30
N THR B 88 -8.13 23.03 26.24
CA THR B 88 -6.98 23.53 25.48
C THR B 88 -7.30 24.83 24.73
N LEU B 89 -8.44 24.86 24.05
CA LEU B 89 -8.92 26.08 23.42
C LEU B 89 -9.07 27.24 24.41
N ASN B 90 -9.74 26.99 25.54
CA ASN B 90 -10.01 28.05 26.51
C ASN B 90 -8.74 28.67 27.09
N ASP B 91 -7.68 27.88 27.10
CA ASP B 91 -6.42 28.31 27.66
C ASP B 91 -5.34 28.25 26.59
N PHE B 92 -5.66 28.75 25.40
CA PHE B 92 -4.85 28.42 24.25
C PHE B 92 -3.48 29.08 24.21
N GLY B 93 -3.33 30.20 24.90
CA GLY B 93 -2.05 30.87 24.93
C GLY B 93 -1.06 30.12 25.80
N LYS B 94 -1.54 29.41 26.81
CA LYS B 94 -0.64 28.59 27.62
C LYS B 94 -0.25 27.32 26.84
N PHE B 95 -1.14 26.85 25.95
CA PHE B 95 -0.81 25.75 25.06
C PHE B 95 0.25 26.17 24.03
N ASP B 96 0.12 27.36 23.46
CA ASP B 96 1.09 27.90 22.51
C ASP B 96 2.51 27.96 23.10
N LYS B 97 2.63 28.38 24.35
CA LYS B 97 3.95 28.47 24.98
C LYS B 97 4.54 27.08 25.24
N MET B 98 3.73 26.13 25.71
CA MET B 98 4.26 24.82 26.06
C MET B 98 4.64 24.03 24.80
N TYR B 99 3.83 24.18 23.75
CA TYR B 99 4.06 23.47 22.49
C TYR B 99 5.37 23.91 21.84
N SER B 100 5.79 25.15 22.11
CA SER B 100 7.05 25.62 21.55
C SER B 100 8.23 25.03 22.31
N TYR B 101 8.11 24.92 23.64
CA TYR B 101 9.15 24.23 24.40
C TYR B 101 9.20 22.73 24.03
N VAL B 102 8.09 22.15 23.62
CA VAL B 102 8.05 20.72 23.39
C VAL B 102 8.70 20.41 22.03
N ASN B 103 8.42 21.25 21.05
CA ASN B 103 9.01 21.06 19.73
C ASN B 103 10.50 21.31 19.73
N LYS B 104 10.94 22.39 20.39
CA LYS B 104 12.37 22.61 20.56
C LYS B 104 13.02 21.38 21.20
N ALA B 105 12.40 20.80 22.22
CA ALA B 105 12.95 19.61 22.84
C ALA B 105 13.04 18.42 21.87
N TYR B 106 11.97 18.16 21.12
CA TYR B 106 11.86 17.02 20.20
C TYR B 106 12.90 17.04 19.09
N TYR B 107 13.12 18.21 18.52
CA TYR B 107 14.04 18.33 17.41
C TYR B 107 15.51 18.57 17.80
N ASN B 108 15.80 18.62 19.10
CA ASN B 108 17.18 18.86 19.53
C ASN B 108 17.73 17.93 20.58
N ASP B 109 16.91 17.02 21.08
CA ASP B 109 17.34 16.19 22.20
C ASP B 109 16.98 14.72 21.96
N GLY B 110 18.00 13.87 21.98
CA GLY B 110 17.84 12.46 21.65
C GLY B 110 16.92 11.73 22.61
N ASP B 111 16.96 12.11 23.89
CA ASP B 111 16.07 11.51 24.89
C ASP B 111 14.60 11.65 24.55
N ILE B 112 14.23 12.79 23.93
CA ILE B 112 12.83 13.02 23.55
C ILE B 112 12.54 12.43 22.15
N TYR B 113 13.45 12.64 21.20
CA TYR B 113 13.20 12.27 19.83
C TYR B 113 12.95 10.76 19.72
N TYR B 114 13.73 9.97 20.45
CA TYR B 114 13.57 8.51 20.37
C TYR B 114 12.59 7.89 21.39
N SER B 115 11.98 8.67 22.30
CA SER B 115 10.97 8.14 23.23
C SER B 115 9.53 8.69 23.10
N SER B 116 9.39 9.78 22.35
CA SER B 116 8.10 10.49 22.30
C SER B 116 7.01 9.68 21.58
N TYR B 117 5.78 9.74 22.08
CA TYR B 117 4.67 9.09 21.39
C TYR B 117 3.79 10.10 20.62
N ASP B 118 3.49 11.24 21.23
CA ASP B 118 2.64 12.23 20.58
C ASP B 118 2.89 13.63 21.16
N LEU B 119 3.24 14.59 20.32
CA LEU B 119 3.62 15.93 20.81
C LEU B 119 2.47 16.69 21.45
N TYR B 120 1.27 16.58 20.87
CA TYR B 120 0.10 17.26 21.39
C TYR B 120 -0.28 16.75 22.76
N ASP B 121 -0.34 15.43 22.91
CA ASP B 121 -0.73 14.80 24.15
C ASP B 121 0.27 15.04 25.25
N GLU B 122 1.52 15.20 24.88
CA GLU B 122 2.55 15.37 25.89
C GLU B 122 2.53 16.82 26.35
N THR B 123 2.25 17.75 25.45
CA THR B 123 2.11 19.14 25.82
C THR B 123 1.04 19.26 26.93
N ILE B 124 -0.08 18.57 26.75
CA ILE B 124 -1.19 18.66 27.66
C ILE B 124 -0.96 17.97 29.00
N LYS B 125 -0.28 16.82 28.98
CA LYS B 125 0.12 16.21 30.23
C LYS B 125 1.01 17.17 31.04
N LEU B 126 1.87 17.91 30.35
CA LEU B 126 2.72 18.85 31.06
C LEU B 126 1.88 19.95 31.73
N LEU B 127 0.92 20.49 30.97
CA LEU B 127 0.08 21.57 31.49
C LEU B 127 -0.75 21.11 32.69
N GLU B 128 -1.34 19.92 32.56
CA GLU B 128 -2.17 19.36 33.62
C GLU B 128 -1.37 19.12 34.90
N LEU B 129 -0.12 18.66 34.78
CA LEU B 129 0.71 18.48 35.99
C LEU B 129 1.00 19.80 36.69
N LEU B 130 1.21 20.84 35.89
CA LEU B 130 1.51 22.14 36.43
C LEU B 130 0.31 22.73 37.18
N LYS B 131 -0.89 22.58 36.61
CA LYS B 131 -2.12 23.06 37.25
C LYS B 131 -2.46 22.29 38.52
N GLU B 132 -2.10 21.02 38.58
CA GLU B 132 -2.33 20.21 39.78
C GLU B 132 -1.55 20.75 40.98
N SER B 133 -0.35 21.25 40.71
CA SER B 133 0.47 21.83 41.76
C SER B 133 0.37 23.36 41.81
N LYS B 134 -0.62 23.90 41.12
CA LYS B 134 -0.86 25.34 41.10
C LYS B 134 0.36 26.17 40.72
N ILE B 135 1.21 25.62 39.86
CA ILE B 135 2.35 26.36 39.34
C ILE B 135 1.90 27.23 38.16
N ASN B 136 2.49 28.41 38.04
CA ASN B 136 2.18 29.34 36.95
C ASN B 136 3.16 29.14 35.78
N VAL B 137 2.62 28.80 34.61
CA VAL B 137 3.44 28.53 33.42
C VAL B 137 4.36 29.70 33.00
N ASN B 138 3.85 30.93 33.08
CA ASN B 138 4.62 32.10 32.69
C ASN B 138 5.94 32.29 33.43
N ASP B 139 6.06 31.66 34.59
CA ASP B 139 7.21 31.85 35.44
C ASP B 139 8.20 30.69 35.45
N ILE B 140 8.09 29.80 34.47
CA ILE B 140 9.05 28.71 34.37
C ILE B 140 9.71 28.73 33.01
N ASP B 141 10.92 28.19 32.94
CA ASP B 141 11.70 28.25 31.71
C ASP B 141 11.89 26.86 31.10
N TYR B 142 12.56 26.81 29.95
CA TYR B 142 12.77 25.57 29.21
C TYR B 142 13.40 24.45 30.03
N ASP B 143 14.45 24.78 30.78
CA ASP B 143 15.23 23.75 31.46
C ASP B 143 14.40 23.00 32.47
N TYR B 144 13.39 23.67 32.98
CA TYR B 144 12.54 23.08 33.97
C TYR B 144 11.54 22.11 33.31
N VAL B 145 11.01 22.54 32.17
CA VAL B 145 10.07 21.76 31.41
C VAL B 145 10.73 20.47 30.86
N LEU B 146 11.97 20.60 30.42
CA LEU B 146 12.70 19.47 29.85
C LEU B 146 12.95 18.37 30.88
N LYS B 147 13.28 18.73 32.10
CA LYS B 147 13.49 17.72 33.14
C LYS B 147 12.20 16.96 33.42
N LEU B 148 11.11 17.70 33.49
CA LEU B 148 9.79 17.14 33.75
C LEU B 148 9.31 16.24 32.60
N TYR B 149 9.62 16.66 31.38
CA TYR B 149 9.24 15.97 30.14
C TYR B 149 9.99 14.63 30.03
N LYS B 150 11.26 14.57 30.47
CA LYS B 150 11.98 13.30 30.48
C LYS B 150 11.38 12.39 31.53
N GLN B 151 10.84 12.99 32.60
CA GLN B 151 10.23 12.21 33.66
C GLN B 151 8.96 11.49 33.19
N ILE B 152 8.13 12.16 32.41
CA ILE B 152 6.89 11.52 31.99
C ILE B 152 7.10 10.51 30.88
N LEU B 153 8.24 10.57 30.20
CA LEU B 153 8.50 9.62 29.15
C LEU B 153 9.15 8.35 29.66
N SER B 154 9.77 8.41 30.84
CA SER B 154 10.26 7.19 31.48
C SER B 154 9.10 6.44 32.14
N THR B 155 9.09 5.12 31.98
CA THR B 155 7.96 4.31 32.41
C THR B 155 8.24 3.63 33.76
N THR C 24 24.63 22.59 -2.06
CA THR C 24 23.93 21.64 -2.93
C THR C 24 24.38 20.21 -2.72
N ASN C 25 25.67 20.02 -2.44
CA ASN C 25 26.20 18.66 -2.32
C ASN C 25 27.12 18.40 -1.12
N THR C 26 26.95 19.17 -0.05
CA THR C 26 27.66 18.85 1.19
C THR C 26 26.62 18.60 2.30
N LEU C 27 26.91 17.64 3.19
CA LEU C 27 26.10 17.42 4.39
C LEU C 27 26.84 17.88 5.66
N GLN C 28 26.29 18.87 6.38
CA GLN C 28 26.70 19.22 7.75
C GLN C 28 26.66 18.13 8.80
N VAL C 29 27.71 18.07 9.62
CA VAL C 29 27.91 17.07 10.67
C VAL C 29 28.61 17.69 11.88
N ARG C 30 28.12 17.36 13.08
CA ARG C 30 28.74 17.74 14.36
C ARG C 30 29.16 16.53 15.23
N LEU C 31 30.35 16.64 15.82
CA LEU C 31 30.84 15.62 16.74
C LEU C 31 30.56 16.09 18.16
N LEU C 32 29.84 15.27 18.91
CA LEU C 32 29.28 15.71 20.17
C LEU C 32 30.14 15.30 21.36
N SER C 33 31.20 14.54 21.11
CA SER C 33 32.11 14.20 22.19
C SER C 33 33.46 13.73 21.63
N GLU C 34 34.40 13.41 22.52
CA GLU C 34 35.67 12.85 22.08
C GLU C 34 35.54 11.37 21.67
N ASN C 35 34.45 10.70 22.08
CA ASN C 35 34.24 9.32 21.65
C ASN C 35 33.60 9.18 20.26
N ALA C 36 33.24 10.31 19.66
CA ALA C 36 32.61 10.33 18.34
C ALA C 36 33.61 9.95 17.26
N ARG C 37 33.11 9.44 16.15
CA ARG C 37 33.95 9.18 14.99
C ARG C 37 33.24 9.62 13.71
N MET C 38 33.97 10.31 12.84
CA MET C 38 33.41 10.82 11.60
C MET C 38 33.01 9.63 10.73
N PRO C 39 31.78 9.65 10.19
CA PRO C 39 31.28 8.53 9.38
C PRO C 39 32.16 8.29 8.15
N GLU C 40 32.27 7.05 7.71
CA GLU C 40 33.24 6.72 6.67
C GLU C 40 32.59 6.16 5.42
N ARG C 41 33.19 6.46 4.28
CA ARG C 41 32.68 5.93 3.03
C ARG C 41 33.82 5.37 2.19
N ASN C 42 33.57 4.23 1.54
CA ASN C 42 34.65 3.54 0.80
C ASN C 42 34.82 4.11 -0.63
N HIS C 43 33.94 3.86 -1.61
CA HIS C 43 34.02 4.76 -2.73
C HIS C 43 32.78 5.61 -2.80
N LYS C 44 32.92 6.66 -3.61
CA LYS C 44 31.94 7.69 -3.91
C LYS C 44 30.59 7.18 -4.37
N THR C 45 30.58 6.01 -5.02
CA THR C 45 29.36 5.42 -5.54
C THR C 45 28.61 4.52 -4.55
N ASP C 46 29.17 4.32 -3.36
CA ASP C 46 28.48 3.53 -2.33
C ASP C 46 27.23 4.25 -1.82
N ALA C 47 26.21 3.47 -1.49
CA ALA C 47 24.95 4.00 -0.99
C ALA C 47 25.04 4.64 0.41
N GLY C 48 25.83 4.08 1.33
CA GLY C 48 25.82 4.56 2.70
C GLY C 48 27.11 5.03 3.36
N TYR C 49 26.98 5.73 4.49
CA TYR C 49 28.12 6.04 5.34
C TYR C 49 28.07 5.18 6.59
N ASP C 50 29.14 4.42 6.84
CA ASP C 50 29.21 3.58 8.05
C ASP C 50 29.20 4.45 9.28
N ILE C 51 28.52 3.99 10.32
CA ILE C 51 28.29 4.79 11.52
C ILE C 51 28.83 4.01 12.72
N PHE C 52 29.52 4.69 13.64
CA PHE C 52 30.18 3.95 14.72
C PHE C 52 29.49 4.10 16.09
N SER C 53 29.63 3.09 16.93
CA SER C 53 29.17 3.21 18.30
C SER C 53 30.07 4.15 19.08
N ALA C 54 29.49 4.99 19.94
CA ALA C 54 30.32 5.79 20.84
C ALA C 54 30.34 5.20 22.24
N GLU C 55 29.78 4.00 22.44
CA GLU C 55 29.73 3.48 23.80
C GLU C 55 29.83 1.96 23.93
N THR C 56 29.88 1.47 25.16
CA THR C 56 30.10 0.06 25.41
C THR C 56 28.93 -0.54 26.18
N VAL C 57 28.29 -1.53 25.58
CA VAL C 57 27.02 -2.01 26.07
C VAL C 57 27.01 -3.54 26.07
N VAL C 58 26.51 -4.14 27.14
CA VAL C 58 26.31 -5.59 27.15
C VAL C 58 24.81 -5.92 26.94
N LEU C 59 24.50 -6.80 25.97
CA LEU C 59 23.12 -7.19 25.71
C LEU C 59 22.91 -8.67 25.89
N GLU C 60 22.18 -9.04 26.94
CA GLU C 60 21.81 -10.43 27.14
C GLU C 60 20.66 -10.77 26.18
N PRO C 61 20.39 -12.07 25.97
CA PRO C 61 19.31 -12.44 25.06
C PRO C 61 17.98 -11.72 25.33
N GLN C 62 17.40 -11.09 24.30
CA GLN C 62 16.10 -10.36 24.32
C GLN C 62 16.15 -8.95 24.87
N GLU C 63 17.35 -8.48 25.18
CA GLU C 63 17.54 -7.14 25.70
C GLU C 63 17.51 -6.08 24.61
N LYS C 64 16.95 -4.91 24.92
CA LYS C 64 16.88 -3.83 23.95
C LYS C 64 17.67 -2.58 24.41
N ALA C 65 18.11 -1.78 23.46
CA ALA C 65 18.78 -0.52 23.82
C ALA C 65 18.74 0.47 22.67
N VAL C 66 19.01 1.72 22.96
CA VAL C 66 19.23 2.69 21.90
C VAL C 66 20.64 3.20 22.10
N ILE C 67 21.50 2.84 21.17
CA ILE C 67 22.94 3.04 21.31
C ILE C 67 23.37 4.36 20.68
N LYS C 68 24.03 5.20 21.48
CA LYS C 68 24.35 6.55 21.05
C LYS C 68 25.59 6.56 20.17
N THR C 69 25.60 7.50 19.23
CA THR C 69 26.69 7.66 18.26
C THR C 69 27.57 8.90 18.56
N ASP C 70 27.00 9.84 19.32
CA ASP C 70 27.58 11.18 19.53
C ASP C 70 27.85 11.91 18.22
N VAL C 71 27.01 11.68 17.23
CA VAL C 71 27.08 12.37 15.95
C VAL C 71 25.73 13.01 15.63
N ALA C 72 25.75 14.28 15.20
CA ALA C 72 24.54 14.94 14.74
C ALA C 72 24.66 15.31 13.28
N VAL C 73 23.56 15.23 12.52
CA VAL C 73 23.58 15.71 11.15
C VAL C 73 22.45 16.68 10.89
N SER C 74 22.59 17.42 9.78
CA SER C 74 21.53 18.28 9.30
C SER C 74 21.06 17.86 7.91
N ILE C 75 20.13 16.91 7.87
CA ILE C 75 19.48 16.50 6.62
C ILE C 75 18.69 17.67 6.00
N PRO C 76 18.99 18.03 4.75
CA PRO C 76 18.22 19.12 4.14
C PRO C 76 16.76 18.78 3.80
N GLU C 77 15.99 19.84 3.57
CA GLU C 77 14.59 19.73 3.18
C GLU C 77 14.41 18.96 1.89
N GLY C 78 13.44 18.04 1.87
CA GLY C 78 13.18 17.21 0.70
C GLY C 78 13.79 15.81 0.78
N TYR C 79 14.35 15.48 1.93
CA TYR C 79 15.02 14.19 2.13
C TYR C 79 14.66 13.54 3.47
N VAL C 80 14.91 12.23 3.56
CA VAL C 80 14.91 11.54 4.85
C VAL C 80 16.20 10.75 5.00
N GLY C 81 16.76 10.75 6.21
CA GLY C 81 17.89 9.90 6.55
C GLY C 81 17.44 8.52 7.04
N LEU C 82 18.10 7.47 6.53
CA LEU C 82 17.80 6.11 6.95
C LEU C 82 19.00 5.51 7.69
N LEU C 83 18.82 5.28 8.98
CA LEU C 83 19.85 4.68 9.84
C LEU C 83 19.55 3.18 9.98
N THR C 84 20.32 2.35 9.27
CA THR C 84 19.88 0.98 8.99
C THR C 84 21.01 -0.06 9.22
N SER C 85 20.74 -1.34 8.96
CA SER C 85 21.74 -2.40 9.23
C SER C 85 22.81 -2.64 8.16
N ARG C 86 23.87 -3.34 8.56
CA ARG C 86 24.90 -3.82 7.64
C ARG C 86 24.74 -5.34 7.42
N SER C 87 25.18 -5.82 6.26
CA SER C 87 24.94 -7.23 5.89
C SER C 87 25.70 -8.23 6.74
N GLY C 88 26.94 -7.92 7.11
CA GLY C 88 27.82 -8.85 7.77
C GLY C 88 27.44 -9.01 9.22
N VAL C 89 27.08 -7.90 9.85
CA VAL C 89 26.63 -7.90 11.22
C VAL C 89 25.29 -8.65 11.31
N SER C 90 24.36 -8.30 10.41
CA SER C 90 23.00 -8.84 10.53
C SER C 90 22.91 -10.29 10.10
N SER C 91 23.69 -10.68 9.10
CA SER C 91 23.70 -12.09 8.71
C SER C 91 24.50 -12.99 9.68
N LYS C 92 25.49 -12.44 10.39
CA LYS C 92 26.32 -13.29 11.26
C LYS C 92 26.04 -13.19 12.78
N THR C 93 25.14 -12.31 13.20
CA THR C 93 24.83 -12.23 14.63
C THR C 93 23.34 -12.23 14.84
N HIS C 94 22.89 -12.23 16.09
CA HIS C 94 21.46 -12.06 16.42
C HIS C 94 21.11 -10.58 16.74
N LEU C 95 22.05 -9.65 16.49
CA LEU C 95 21.79 -8.24 16.69
C LEU C 95 20.91 -7.72 15.59
N VAL C 96 19.73 -7.25 15.99
CA VAL C 96 18.72 -6.81 15.04
C VAL C 96 18.53 -5.33 15.18
N ILE C 97 18.83 -4.61 14.10
CA ILE C 97 18.62 -3.17 14.08
C ILE C 97 17.33 -2.81 13.34
N GLU C 98 16.49 -2.02 14.00
CA GLU C 98 15.31 -1.45 13.37
C GLU C 98 15.70 -0.17 12.66
N THR C 99 15.28 0.01 11.41
CA THR C 99 15.64 1.22 10.65
C THR C 99 14.99 2.50 11.25
N GLY C 100 15.83 3.48 11.60
CA GLY C 100 15.34 4.75 12.09
C GLY C 100 15.17 5.77 10.97
N LYS C 101 14.06 6.47 10.94
CA LYS C 101 13.84 7.52 9.94
C LYS C 101 14.22 8.88 10.55
N ILE C 102 15.21 9.57 9.99
CA ILE C 102 15.70 10.86 10.52
C ILE C 102 15.09 12.07 9.76
N ASP C 103 14.30 12.90 10.45
CA ASP C 103 13.69 14.06 9.81
C ASP C 103 14.70 15.14 9.40
N ALA C 104 14.38 15.87 8.33
CA ALA C 104 15.03 17.16 8.07
C ALA C 104 14.83 18.05 9.30
N GLY C 105 15.92 18.57 9.85
CA GLY C 105 15.80 19.40 11.03
C GLY C 105 15.96 18.70 12.37
N TYR C 106 16.05 17.36 12.40
CA TYR C 106 16.43 16.73 13.67
C TYR C 106 17.94 16.97 13.86
N HIS C 107 18.30 17.62 14.95
CA HIS C 107 19.67 18.11 15.11
C HIS C 107 20.35 17.55 16.35
N GLY C 108 19.78 16.49 16.91
CA GLY C 108 20.31 15.91 18.12
C GLY C 108 21.18 14.68 17.86
N ASN C 109 21.54 14.01 18.96
CA ASN C 109 22.36 12.82 18.92
C ASN C 109 21.65 11.68 18.18
N LEU C 110 22.35 11.07 17.22
CA LEU C 110 21.79 9.93 16.49
C LEU C 110 21.92 8.65 17.30
N GLY C 111 20.84 7.88 17.33
CA GLY C 111 20.82 6.64 18.07
C GLY C 111 20.49 5.46 17.20
N ILE C 112 21.09 4.33 17.52
CA ILE C 112 20.84 3.11 16.79
C ILE C 112 19.92 2.21 17.62
N ASN C 113 18.74 1.91 17.09
CA ASN C 113 17.79 1.12 17.85
C ASN C 113 17.80 -0.39 17.54
N ILE C 114 18.24 -1.13 18.55
CA ILE C 114 18.72 -2.49 18.46
C ILE C 114 18.12 -3.48 19.49
N LYS C 115 18.05 -4.76 19.10
CA LYS C 115 17.69 -5.85 20.02
C LYS C 115 18.60 -7.08 19.82
N ASN C 116 19.02 -7.71 20.92
CA ASN C 116 19.59 -9.05 20.80
C ASN C 116 18.43 -10.04 20.76
N ASP C 117 18.14 -10.60 19.58
CA ASP C 117 16.96 -11.46 19.41
C ASP C 117 17.30 -12.96 19.58
N ALA C 118 18.51 -13.25 20.02
CA ALA C 118 18.81 -14.59 20.57
C ALA C 118 17.82 -14.93 21.69
N ILE C 119 17.53 -16.20 21.85
CA ILE C 119 16.72 -16.67 22.94
C ILE C 119 17.63 -17.39 23.92
N ALA C 120 17.50 -17.13 25.21
CA ALA C 120 18.35 -17.82 26.19
C ALA C 120 17.96 -19.30 26.28
N SER C 121 18.95 -20.16 26.44
CA SER C 121 18.65 -21.56 26.68
C SER C 121 18.94 -21.90 28.12
N ASN C 122 17.90 -22.27 28.88
CA ASN C 122 18.03 -22.45 30.33
C ASN C 122 19.11 -23.47 30.72
N GLY C 123 20.01 -23.07 31.60
CA GLY C 123 21.09 -23.93 32.02
C GLY C 123 22.37 -23.81 31.19
N TYR C 124 22.31 -23.08 30.07
CA TYR C 124 23.52 -22.89 29.26
C TYR C 124 24.13 -21.53 29.53
N ILE C 125 25.26 -21.53 30.26
CA ILE C 125 25.92 -20.30 30.72
C ILE C 125 27.39 -20.20 30.27
N THR C 126 28.01 -19.04 30.43
CA THR C 126 29.38 -18.79 29.92
C THR C 126 30.06 -17.58 30.54
N PRO C 127 31.42 -17.59 30.61
CA PRO C 127 32.20 -16.40 30.97
C PRO C 127 32.65 -15.60 29.74
N GLY C 128 32.16 -15.98 28.56
CA GLY C 128 32.46 -15.25 27.33
C GLY C 128 31.35 -14.32 26.89
N VAL C 129 31.69 -13.36 26.03
CA VAL C 129 30.66 -12.62 25.31
C VAL C 129 30.96 -12.65 23.82
N PHE C 130 29.90 -12.59 23.01
CA PHE C 130 30.05 -12.52 21.57
C PHE C 130 30.33 -11.09 21.16
N ASP C 131 31.12 -10.89 20.10
CA ASP C 131 31.29 -9.56 19.57
C ASP C 131 30.53 -9.36 18.24
N ILE C 132 30.60 -8.16 17.70
CA ILE C 132 29.90 -7.78 16.47
C ILE C 132 30.40 -8.55 15.21
N LYS C 133 31.50 -9.31 15.32
CA LYS C 133 31.94 -10.19 14.24
C LYS C 133 31.52 -11.64 14.47
N GLY C 134 30.83 -11.89 15.58
CA GLY C 134 30.44 -13.24 15.92
C GLY C 134 31.57 -14.08 16.51
N GLU C 135 32.61 -13.41 17.02
CA GLU C 135 33.70 -14.08 17.72
C GLU C 135 33.49 -14.01 19.23
N ILE C 136 34.24 -14.81 19.98
CA ILE C 136 34.07 -14.85 21.44
C ILE C 136 35.33 -14.36 22.19
N ASP C 137 35.10 -13.62 23.27
CA ASP C 137 36.18 -13.22 24.16
C ASP C 137 35.78 -13.37 25.62
N LEU C 138 36.78 -13.59 26.47
CA LEU C 138 36.55 -13.68 27.91
C LEU C 138 36.04 -12.35 28.46
N SER C 139 35.03 -12.42 29.33
CA SER C 139 34.47 -11.23 29.96
C SER C 139 34.61 -11.28 31.47
N ASP C 140 34.00 -10.32 32.14
CA ASP C 140 34.21 -10.19 33.57
C ASP C 140 33.14 -10.86 34.43
N ALA C 141 32.22 -11.62 33.82
CA ALA C 141 31.15 -12.23 34.62
C ALA C 141 30.55 -13.51 34.00
N ILE C 142 29.72 -14.21 34.77
CA ILE C 142 28.98 -15.35 34.25
C ILE C 142 27.63 -14.86 33.75
N ARG C 143 27.34 -15.11 32.48
CA ARG C 143 26.07 -14.67 31.88
C ARG C 143 25.44 -15.78 31.06
N GLN C 144 24.23 -15.53 30.56
CA GLN C 144 23.58 -16.46 29.66
C GLN C 144 24.35 -16.54 28.34
N TYR C 145 24.61 -17.76 27.89
CA TYR C 145 25.17 -17.99 26.57
C TYR C 145 24.32 -17.28 25.47
N GLY C 146 24.97 -16.61 24.53
CA GLY C 146 24.27 -15.79 23.53
C GLY C 146 24.27 -14.28 23.83
N THR C 147 24.78 -13.89 24.99
CA THR C 147 25.01 -12.49 25.34
C THR C 147 26.04 -11.80 24.42
N TYR C 148 25.75 -10.58 23.99
CA TYR C 148 26.69 -9.82 23.15
C TYR C 148 27.27 -8.60 23.88
N GLN C 149 28.44 -8.16 23.44
CA GLN C 149 29.02 -6.91 23.89
C GLN C 149 29.36 -6.02 22.71
N ILE C 150 28.77 -4.82 22.71
CA ILE C 150 29.07 -3.85 21.69
C ILE C 150 30.16 -2.94 22.25
N ASN C 151 31.25 -2.78 21.53
CA ASN C 151 32.34 -1.90 22.01
C ASN C 151 32.36 -0.52 21.36
N GLU C 152 32.85 0.47 22.11
CA GLU C 152 33.11 1.79 21.56
C GLU C 152 33.99 1.71 20.32
N GLY C 153 33.53 2.26 19.21
CA GLY C 153 34.25 2.15 17.97
C GLY C 153 33.69 1.12 16.99
N ASP C 154 32.77 0.28 17.45
CA ASP C 154 32.21 -0.73 16.55
C ASP C 154 31.45 -0.10 15.36
N LYS C 155 31.66 -0.70 14.21
CA LYS C 155 31.07 -0.24 12.97
C LYS C 155 29.68 -0.89 12.85
N LEU C 156 28.73 -0.34 13.59
CA LEU C 156 27.47 -1.00 13.88
C LEU C 156 26.38 -0.87 12.78
N ALA C 157 26.36 0.25 12.05
CA ALA C 157 25.26 0.60 11.16
C ALA C 157 25.71 1.49 10.04
N GLN C 158 24.80 1.86 9.15
CA GLN C 158 25.14 2.80 8.10
C GLN C 158 24.02 3.83 7.83
N LEU C 159 24.38 4.95 7.23
CA LEU C 159 23.43 6.02 6.93
C LEU C 159 23.19 6.14 5.44
N VAL C 160 21.94 5.92 5.01
CA VAL C 160 21.56 6.09 3.60
C VAL C 160 20.56 7.23 3.50
N ILE C 161 20.74 8.13 2.53
CA ILE C 161 19.86 9.29 2.42
C ILE C 161 19.09 9.31 1.08
N VAL C 162 17.76 9.46 1.15
CA VAL C 162 16.91 9.36 -0.05
C VAL C 162 15.94 10.55 -0.21
N PRO C 163 15.60 10.93 -1.45
CA PRO C 163 14.60 11.99 -1.61
C PRO C 163 13.21 11.54 -1.18
N ILE C 164 12.31 12.47 -0.86
CA ILE C 164 10.92 12.16 -0.47
C ILE C 164 9.89 13.09 -1.08
N TRP C 165 8.71 12.54 -1.34
CA TRP C 165 7.56 13.30 -1.77
C TRP C 165 6.74 13.70 -0.53
N THR C 166 6.48 15.00 -0.34
CA THR C 166 5.66 15.46 0.81
C THR C 166 4.46 16.29 0.39
N PRO C 167 3.43 15.65 -0.18
CA PRO C 167 2.26 16.33 -0.76
C PRO C 167 1.20 16.76 0.26
N GLU C 168 0.31 17.66 -0.14
CA GLU C 168 -0.85 18.00 0.69
C GLU C 168 -1.90 16.88 0.59
N LEU C 169 -2.68 16.71 1.64
CA LEU C 169 -3.72 15.68 1.66
C LEU C 169 -5.01 16.28 1.15
N LYS C 170 -5.74 15.49 0.36
CA LYS C 170 -7.06 15.85 -0.13
C LYS C 170 -7.96 14.63 -0.06
N GLN C 171 -8.95 14.70 0.84
CA GLN C 171 -9.97 13.67 0.98
C GLN C 171 -10.89 13.65 -0.22
N VAL C 172 -11.22 12.45 -0.71
CA VAL C 172 -12.11 12.27 -1.87
C VAL C 172 -13.06 11.10 -1.60
N GLU C 173 -14.19 11.08 -2.30
CA GLU C 173 -15.15 10.00 -2.10
C GLU C 173 -14.79 8.82 -3.01
N GLU C 174 -14.17 9.14 -4.13
CA GLU C 174 -13.86 8.18 -5.19
C GLU C 174 -12.51 8.60 -5.78
N PHE C 175 -11.59 7.67 -6.00
CA PHE C 175 -10.30 8.03 -6.59
C PHE C 175 -10.48 8.36 -8.06
N GLU C 176 -9.67 9.28 -8.54
CA GLU C 176 -9.81 9.81 -9.86
C GLU C 176 -8.54 9.57 -10.65
N MET D 8 38.64 27.01 11.26
CA MET D 8 38.95 25.62 10.92
C MET D 8 39.39 24.84 12.16
N ALA D 9 38.72 23.73 12.45
CA ALA D 9 39.15 22.80 13.48
C ALA D 9 40.38 22.03 12.98
N GLU D 10 41.35 21.76 13.86
CA GLU D 10 42.66 21.28 13.40
C GLU D 10 42.99 19.84 13.82
N LEU D 11 43.69 19.13 12.94
CA LEU D 11 44.09 17.74 13.17
C LEU D 11 45.53 17.66 13.66
N PRO D 12 45.91 16.53 14.30
CA PRO D 12 47.29 16.30 14.77
C PRO D 12 48.37 16.66 13.75
N THR D 13 49.58 16.92 14.25
CA THR D 13 50.70 17.31 13.41
C THR D 13 51.13 16.19 12.47
N HIS D 14 51.09 14.94 12.93
CA HIS D 14 51.68 13.84 12.18
C HIS D 14 51.01 13.59 10.83
N TYR D 15 49.88 14.28 10.58
CA TYR D 15 49.19 14.17 9.30
C TYR D 15 50.02 14.77 8.18
N GLY D 16 50.90 15.70 8.56
CA GLY D 16 51.84 16.30 7.61
C GLY D 16 52.78 15.24 7.06
N THR D 17 53.33 14.41 7.96
CA THR D 17 54.10 13.24 7.56
C THR D 17 53.34 12.38 6.57
N ILE D 18 52.15 11.95 6.99
CA ILE D 18 51.30 11.05 6.22
C ILE D 18 51.10 11.56 4.81
N ILE D 19 50.83 12.85 4.68
CA ILE D 19 50.57 13.43 3.37
C ILE D 19 51.84 13.50 2.52
N LYS D 20 52.96 13.87 3.15
CA LYS D 20 54.25 13.98 2.46
C LYS D 20 54.66 12.64 1.88
N THR D 21 54.77 11.64 2.78
CA THR D 21 55.06 10.24 2.45
C THR D 21 54.16 9.75 1.34
N LEU D 22 52.86 10.05 1.47
CA LEU D 22 51.88 9.64 0.47
C LEU D 22 52.03 10.33 -0.88
N ARG D 23 52.37 11.61 -0.86
CA ARG D 23 52.54 12.38 -2.08
C ARG D 23 53.70 11.84 -2.88
N LYS D 24 54.77 11.46 -2.17
CA LYS D 24 55.95 10.89 -2.79
C LYS D 24 55.63 9.53 -3.42
N TYR D 25 54.95 8.68 -2.67
CA TYR D 25 54.54 7.36 -3.16
C TYR D 25 53.78 7.44 -4.49
N MET D 26 52.93 8.45 -4.64
CA MET D 26 52.10 8.55 -5.84
C MET D 26 52.83 9.30 -6.94
N LYS D 27 54.12 9.53 -6.72
CA LYS D 27 54.97 10.19 -7.69
C LYS D 27 54.37 11.54 -8.08
N LEU D 28 54.11 12.37 -7.09
CA LEU D 28 53.52 13.67 -7.35
C LEU D 28 54.35 14.78 -6.70
N THR D 29 54.49 15.88 -7.43
CA THR D 29 55.26 17.03 -6.95
C THR D 29 54.33 17.98 -6.18
N GLN D 30 54.89 18.73 -5.23
CA GLN D 30 54.11 19.69 -4.47
C GLN D 30 53.31 20.62 -5.38
N SER D 31 53.91 20.98 -6.52
CA SER D 31 53.24 21.81 -7.51
C SER D 31 52.07 21.08 -8.20
N LYS D 32 52.26 19.79 -8.48
CA LYS D 32 51.24 19.01 -9.16
C LYS D 32 50.02 18.78 -8.26
N LEU D 33 50.28 18.63 -6.96
CA LEU D 33 49.22 18.44 -5.97
C LEU D 33 48.39 19.71 -5.85
N SER D 34 49.08 20.84 -5.88
CA SER D 34 48.43 22.14 -5.81
C SER D 34 47.50 22.32 -7.01
N GLU D 35 47.92 21.80 -8.16
CA GLU D 35 47.11 21.85 -9.36
C GLU D 35 45.84 21.01 -9.17
N ARG D 36 45.99 19.88 -8.48
CA ARG D 36 44.90 18.91 -8.33
C ARG D 36 44.02 19.18 -7.10
N THR D 37 44.58 19.80 -6.07
CA THR D 37 43.83 20.03 -4.84
C THR D 37 43.23 21.45 -4.81
N GLY D 38 44.04 22.43 -5.20
CA GLY D 38 43.60 23.80 -5.27
C GLY D 38 44.17 24.59 -4.10
N PHE D 39 45.27 24.10 -3.53
CA PHE D 39 45.91 24.78 -2.41
C PHE D 39 47.21 25.43 -2.85
N SER D 40 47.70 26.39 -2.08
CA SER D 40 48.92 27.07 -2.42
C SER D 40 50.11 26.16 -2.14
N GLN D 41 51.13 26.27 -2.97
CA GLN D 41 52.35 25.51 -2.76
C GLN D 41 52.96 25.84 -1.41
N ASN D 42 52.85 27.11 -1.02
CA ASN D 42 53.29 27.53 0.31
C ASN D 42 52.55 26.72 1.36
N THR D 43 51.21 26.71 1.25
CA THR D 43 50.32 25.98 2.17
C THR D 43 50.67 24.50 2.30
N ILE D 44 50.80 23.83 1.16
CA ILE D 44 51.18 22.42 1.17
C ILE D 44 52.52 22.18 1.89
N SER D 45 53.47 23.07 1.62
CA SER D 45 54.84 22.92 2.11
C SER D 45 54.84 22.94 3.62
N ASN D 46 54.01 23.79 4.19
CA ASN D 46 54.03 23.85 5.61
C ASN D 46 52.86 23.09 6.24
N HIS D 47 51.99 22.41 5.49
CA HIS D 47 51.24 21.37 6.24
C HIS D 47 52.23 20.26 6.47
N GLU D 48 52.97 19.92 5.40
CA GLU D 48 53.88 18.79 5.45
C GLU D 48 54.94 19.05 6.53
N ASN D 49 55.42 20.29 6.62
CA ASN D 49 56.45 20.63 7.60
C ASN D 49 56.03 20.66 9.10
N GLY D 50 54.77 20.95 9.42
CA GLY D 50 54.31 20.82 10.80
C GLY D 50 53.97 22.20 11.34
N ASN D 51 54.16 23.14 10.43
CA ASN D 51 53.83 24.56 10.56
C ASN D 51 52.36 24.93 10.74
N ARG D 52 51.59 24.89 9.65
CA ARG D 52 50.12 24.97 9.79
C ARG D 52 49.51 23.56 9.88
N ASN D 53 48.69 23.33 10.90
CA ASN D 53 48.04 22.04 11.09
C ASN D 53 46.74 21.94 10.28
N ILE D 54 46.39 20.71 9.88
CA ILE D 54 45.35 20.53 8.86
C ILE D 54 43.96 20.31 9.46
N GLY D 55 42.95 20.82 8.74
CA GLY D 55 41.57 20.69 9.15
C GLY D 55 40.95 19.40 8.66
N VAL D 56 39.95 18.91 9.40
CA VAL D 56 39.25 17.67 9.06
C VAL D 56 38.62 17.81 7.69
N ASN D 57 38.22 19.04 7.37
CA ASN D 57 37.65 19.30 6.06
C ASN D 57 38.72 19.41 4.97
N GLU D 58 39.96 19.66 5.38
CA GLU D 58 41.06 19.72 4.43
C GLU D 58 41.45 18.32 3.94
N ILE D 59 41.54 17.36 4.87
CA ILE D 59 41.93 15.98 4.56
C ILE D 59 41.17 15.32 3.41
N GLU D 60 39.87 15.53 3.34
CA GLU D 60 39.09 14.93 2.27
C GLU D 60 39.48 15.49 0.91
N ILE D 61 39.96 16.73 0.90
CA ILE D 61 40.44 17.34 -0.35
C ILE D 61 41.75 16.69 -0.79
N TYR D 62 42.68 16.52 0.16
CA TYR D 62 43.94 15.84 -0.10
C TYR D 62 43.75 14.41 -0.62
N GLY D 63 42.78 13.72 -0.03
CA GLY D 63 42.51 12.37 -0.44
C GLY D 63 42.04 12.31 -1.88
N LYS D 64 41.19 13.26 -2.24
CA LYS D 64 40.68 13.32 -3.61
C LYS D 64 41.86 13.60 -4.54
N GLY D 65 42.73 14.51 -4.12
CA GLY D 65 43.92 14.83 -4.88
C GLY D 65 44.89 13.68 -5.04
N LEU D 66 45.11 12.93 -3.97
CA LEU D 66 46.04 11.82 -4.00
C LEU D 66 45.48 10.58 -4.70
N GLY D 67 44.16 10.53 -4.91
CA GLY D 67 43.53 9.33 -5.47
C GLY D 67 43.40 8.24 -4.43
N ILE D 68 43.21 8.66 -3.18
CA ILE D 68 43.16 7.73 -2.05
C ILE D 68 42.02 8.08 -1.11
N PRO D 69 41.15 7.10 -0.84
CA PRO D 69 40.05 7.26 0.12
C PRO D 69 40.53 7.86 1.43
N SER D 70 39.98 8.99 1.84
CA SER D 70 40.51 9.70 2.97
C SER D 70 40.43 8.92 4.27
N TYR D 71 39.52 7.97 4.39
CA TYR D 71 39.39 7.26 5.66
C TYR D 71 40.65 6.45 5.97
N ILE D 72 41.29 5.94 4.93
CA ILE D 72 42.55 5.22 5.07
C ILE D 72 43.61 6.09 5.79
N LEU D 73 43.58 7.41 5.55
CA LEU D 73 44.48 8.32 6.22
C LEU D 73 44.18 8.36 7.72
N HIS D 74 42.91 8.47 8.08
CA HIS D 74 42.57 8.50 9.49
C HIS D 74 42.98 7.19 10.14
N ARG D 75 42.95 6.08 9.39
CA ARG D 75 43.34 4.79 9.93
C ARG D 75 44.84 4.77 10.18
N ILE D 76 45.61 5.37 9.26
CA ILE D 76 47.07 5.42 9.39
C ILE D 76 47.43 6.23 10.63
N SER D 77 46.71 7.31 10.85
CA SER D 77 46.85 8.15 12.04
C SER D 77 46.54 7.37 13.33
N ASP D 78 45.49 6.56 13.29
CA ASP D 78 45.18 5.67 14.41
C ASP D 78 46.35 4.75 14.75
N GLU D 79 47.08 4.30 13.73
CA GLU D 79 48.24 3.46 13.97
C GLU D 79 49.32 4.26 14.69
N PHE D 80 49.58 5.47 14.20
CA PHE D 80 50.48 6.41 14.88
C PHE D 80 50.14 6.57 16.35
N LYS D 81 48.86 6.72 16.65
CA LYS D 81 48.43 7.01 18.01
C LYS D 81 48.56 5.80 18.95
N GLU D 82 48.51 4.59 18.40
CA GLU D 82 48.58 3.38 19.20
C GLU D 82 50.02 2.92 19.37
N LYS D 83 50.83 3.09 18.34
CA LYS D 83 52.11 2.39 18.28
C LYS D 83 53.31 3.35 18.26
N GLY D 84 53.11 4.57 17.76
CA GLY D 84 54.20 5.50 17.57
C GLY D 84 54.55 5.67 16.10
N TYR D 85 54.37 4.62 15.32
CA TYR D 85 54.58 4.67 13.88
C TYR D 85 53.47 3.91 13.14
N SER D 86 53.52 3.92 11.81
CA SER D 86 52.53 3.18 11.05
C SER D 86 53.16 2.15 10.09
N PRO D 87 53.07 0.87 10.45
CA PRO D 87 53.55 -0.25 9.63
C PRO D 87 52.97 -0.18 8.23
N THR D 88 51.65 -0.02 8.14
CA THR D 88 50.94 0.14 6.87
C THR D 88 51.54 1.25 6.00
N LEU D 89 51.78 2.42 6.62
CA LEU D 89 52.40 3.52 5.90
C LEU D 89 53.78 3.11 5.42
N ASN D 90 54.53 2.47 6.31
CA ASN D 90 55.87 2.02 6.00
C ASN D 90 55.93 1.01 4.83
N ASP D 91 54.95 0.13 4.77
CA ASP D 91 54.88 -0.84 3.67
C ASP D 91 53.61 -0.62 2.84
N PHE D 92 53.44 0.61 2.37
CA PHE D 92 52.20 1.02 1.73
C PHE D 92 51.99 0.37 0.37
N GLY D 93 53.09 0.09 -0.34
CA GLY D 93 53.02 -0.59 -1.61
C GLY D 93 52.39 -1.97 -1.49
N LYS D 94 52.68 -2.69 -0.41
CA LYS D 94 52.07 -4.01 -0.21
C LYS D 94 50.58 -3.88 0.09
N PHE D 95 50.25 -2.88 0.91
CA PHE D 95 48.87 -2.57 1.26
C PHE D 95 48.06 -2.26 0.01
N ASP D 96 48.64 -1.46 -0.88
CA ASP D 96 47.94 -1.07 -2.09
C ASP D 96 47.58 -2.29 -2.91
N LYS D 97 48.50 -3.24 -3.00
CA LYS D 97 48.25 -4.40 -3.85
C LYS D 97 47.16 -5.28 -3.22
N MET D 98 47.23 -5.47 -1.91
CA MET D 98 46.25 -6.29 -1.20
C MET D 98 44.85 -5.64 -1.14
N TYR D 99 44.80 -4.32 -0.92
CA TYR D 99 43.53 -3.59 -0.90
C TYR D 99 42.77 -3.71 -2.23
N SER D 100 43.51 -3.75 -3.33
CA SER D 100 42.90 -3.99 -4.64
C SER D 100 42.24 -5.36 -4.77
N TYR D 101 42.93 -6.40 -4.29
CA TYR D 101 42.38 -7.75 -4.34
C TYR D 101 41.11 -7.82 -3.49
N VAL D 102 41.19 -7.24 -2.30
CA VAL D 102 40.09 -7.25 -1.36
C VAL D 102 38.87 -6.52 -1.92
N ASN D 103 39.10 -5.37 -2.55
CA ASN D 103 37.98 -4.63 -3.14
C ASN D 103 37.37 -5.37 -4.30
N LYS D 104 38.21 -6.01 -5.12
CA LYS D 104 37.69 -6.83 -6.22
C LYS D 104 36.80 -7.97 -5.72
N ALA D 105 37.22 -8.63 -4.63
CA ALA D 105 36.45 -9.73 -4.07
C ALA D 105 35.11 -9.21 -3.50
N TYR D 106 35.16 -8.09 -2.76
CA TYR D 106 33.98 -7.52 -2.12
C TYR D 106 32.89 -7.21 -3.15
N TYR D 107 33.27 -6.61 -4.29
CA TYR D 107 32.26 -6.17 -5.25
C TYR D 107 31.87 -7.22 -6.29
N ASN D 108 32.42 -8.45 -6.19
CA ASN D 108 32.11 -9.53 -7.13
C ASN D 108 31.78 -10.91 -6.57
N ASP D 109 31.97 -11.11 -5.28
CA ASP D 109 31.70 -12.43 -4.69
C ASP D 109 30.77 -12.38 -3.49
N GLY D 110 29.61 -13.02 -3.62
CA GLY D 110 28.63 -13.14 -2.54
C GLY D 110 29.18 -13.44 -1.16
N ASP D 111 29.97 -14.50 -1.02
CA ASP D 111 30.60 -14.88 0.26
C ASP D 111 31.35 -13.76 0.99
N ILE D 112 31.94 -12.84 0.23
CA ILE D 112 32.65 -11.72 0.83
C ILE D 112 31.67 -10.58 1.13
N TYR D 113 30.83 -10.26 0.14
CA TYR D 113 29.93 -9.13 0.22
C TYR D 113 28.99 -9.21 1.41
N TYR D 114 28.38 -10.36 1.61
CA TYR D 114 27.46 -10.57 2.72
C TYR D 114 28.14 -10.95 4.06
N SER D 115 29.46 -11.15 4.09
CA SER D 115 30.13 -11.51 5.36
C SER D 115 31.11 -10.47 5.91
N SER D 116 31.65 -9.61 5.05
CA SER D 116 32.70 -8.69 5.50
C SER D 116 32.28 -7.71 6.62
N TYR D 117 33.21 -7.40 7.53
CA TYR D 117 32.98 -6.41 8.56
C TYR D 117 33.71 -5.08 8.25
N ASP D 118 34.97 -5.16 7.79
CA ASP D 118 35.79 -3.97 7.53
C ASP D 118 36.90 -4.26 6.51
N LEU D 119 36.82 -3.66 5.32
CA LEU D 119 37.82 -3.94 4.29
C LEU D 119 39.25 -3.66 4.75
N TYR D 120 39.45 -2.57 5.46
CA TYR D 120 40.79 -2.19 5.85
C TYR D 120 41.38 -3.20 6.83
N ASP D 121 40.64 -3.55 7.88
CA ASP D 121 41.12 -4.52 8.86
C ASP D 121 41.29 -5.89 8.27
N GLU D 122 40.55 -6.19 7.21
CA GLU D 122 40.68 -7.51 6.59
C GLU D 122 41.92 -7.56 5.67
N THR D 123 42.24 -6.44 5.05
CA THR D 123 43.45 -6.30 4.22
C THR D 123 44.74 -6.52 5.04
N ILE D 124 44.77 -5.94 6.22
CA ILE D 124 45.90 -6.08 7.13
C ILE D 124 46.01 -7.48 7.71
N LYS D 125 44.88 -8.08 8.09
CA LYS D 125 44.90 -9.43 8.62
C LYS D 125 45.45 -10.36 7.57
N LEU D 126 45.10 -10.11 6.32
CA LEU D 126 45.61 -10.93 5.24
C LEU D 126 47.11 -10.78 5.10
N LEU D 127 47.61 -9.55 5.12
CA LEU D 127 49.04 -9.32 5.01
C LEU D 127 49.78 -9.96 6.17
N GLU D 128 49.23 -9.81 7.37
CA GLU D 128 49.88 -10.34 8.54
C GLU D 128 49.98 -11.85 8.48
N LEU D 129 48.98 -12.50 7.90
CA LEU D 129 49.02 -13.94 7.77
C LEU D 129 50.12 -14.37 6.79
N LEU D 130 50.35 -13.57 5.74
CA LEU D 130 51.41 -13.89 4.78
C LEU D 130 52.83 -13.71 5.34
N LYS D 131 53.03 -12.69 6.17
CA LYS D 131 54.36 -12.44 6.71
C LYS D 131 54.68 -13.53 7.73
N GLU D 132 53.66 -13.93 8.50
CA GLU D 132 53.85 -14.94 9.53
C GLU D 132 54.29 -16.26 8.92
N SER D 133 54.01 -16.44 7.63
CA SER D 133 54.44 -17.63 6.90
C SER D 133 55.47 -17.34 5.82
N LYS D 134 56.19 -16.22 5.96
CA LYS D 134 57.22 -15.80 5.01
C LYS D 134 56.82 -15.98 3.55
N ILE D 135 55.62 -15.51 3.17
CA ILE D 135 55.17 -15.51 1.77
C ILE D 135 55.10 -14.09 1.19
N ASN D 136 55.60 -13.91 -0.03
CA ASN D 136 55.75 -12.58 -0.62
C ASN D 136 54.56 -12.22 -1.50
N VAL D 137 53.99 -11.03 -1.26
CA VAL D 137 52.72 -10.62 -1.87
C VAL D 137 52.81 -10.56 -3.39
N ASN D 138 54.00 -10.32 -3.91
CA ASN D 138 54.18 -10.22 -5.34
C ASN D 138 54.08 -11.57 -6.03
N ASP D 139 54.29 -12.62 -5.26
CA ASP D 139 54.37 -13.95 -5.84
C ASP D 139 53.08 -14.77 -5.70
N ILE D 140 51.95 -14.10 -5.47
CA ILE D 140 50.64 -14.77 -5.45
C ILE D 140 49.59 -14.06 -6.29
N ASP D 141 48.46 -14.73 -6.50
CA ASP D 141 47.39 -14.20 -7.33
C ASP D 141 46.03 -14.09 -6.62
N TYR D 142 45.07 -13.47 -7.32
CA TYR D 142 43.74 -13.20 -6.79
C TYR D 142 43.05 -14.43 -6.18
N ASP D 143 43.12 -15.55 -6.88
CA ASP D 143 42.44 -16.76 -6.46
C ASP D 143 42.98 -17.30 -5.15
N TYR D 144 44.27 -17.12 -4.92
CA TYR D 144 44.87 -17.55 -3.66
C TYR D 144 44.27 -16.68 -2.55
N VAL D 145 44.26 -15.36 -2.79
CA VAL D 145 43.76 -14.38 -1.83
C VAL D 145 42.29 -14.61 -1.52
N LEU D 146 41.51 -14.92 -2.56
CA LEU D 146 40.09 -15.17 -2.37
C LEU D 146 39.83 -16.34 -1.42
N LYS D 147 40.56 -17.43 -1.61
CA LYS D 147 40.39 -18.62 -0.78
C LYS D 147 40.70 -18.31 0.67
N LEU D 148 41.80 -17.60 0.89
CA LEU D 148 42.22 -17.27 2.24
C LEU D 148 41.23 -16.32 2.93
N TYR D 149 40.68 -15.40 2.13
CA TYR D 149 39.79 -14.35 2.61
C TYR D 149 38.49 -14.98 3.09
N LYS D 150 38.03 -16.00 2.38
CA LYS D 150 36.90 -16.78 2.86
C LYS D 150 37.21 -17.52 4.17
N GLN D 151 38.44 -17.97 4.36
CA GLN D 151 38.74 -18.73 5.58
C GLN D 151 38.66 -17.84 6.82
N ILE D 152 39.15 -16.61 6.71
CA ILE D 152 39.15 -15.70 7.85
C ILE D 152 37.77 -15.13 8.15
N LEU D 153 36.88 -15.14 7.17
CA LEU D 153 35.54 -14.63 7.39
C LEU D 153 34.57 -15.69 7.90
N SER D 154 35.04 -16.92 8.07
CA SER D 154 34.24 -17.95 8.73
C SER D 154 34.69 -18.07 10.19
N THR D 155 33.74 -18.30 11.08
CA THR D 155 34.00 -18.32 12.53
C THR D 155 34.96 -19.43 12.94
N MET E 23 17.63 2.35 -23.47
CA MET E 23 18.40 3.55 -23.27
C MET E 23 19.21 3.44 -21.99
N THR E 24 18.85 4.29 -21.05
CA THR E 24 19.26 4.14 -19.67
C THR E 24 17.99 4.08 -18.83
N ASN E 25 17.02 3.38 -19.40
CA ASN E 25 15.90 2.84 -18.65
C ASN E 25 15.87 1.32 -18.78
N THR E 26 17.05 0.72 -18.77
CA THR E 26 17.17 -0.73 -18.76
C THR E 26 18.12 -1.12 -17.62
N LEU E 27 17.86 -2.28 -17.03
CA LEU E 27 18.71 -2.80 -15.98
C LEU E 27 19.27 -4.13 -16.45
N GLN E 28 20.59 -4.27 -16.42
CA GLN E 28 21.20 -5.42 -17.10
C GLN E 28 21.15 -6.56 -16.05
N VAL E 29 20.74 -7.77 -16.43
CA VAL E 29 20.68 -8.89 -15.45
C VAL E 29 21.44 -10.14 -15.95
N ARG E 30 22.28 -10.75 -15.10
CA ARG E 30 23.02 -11.98 -15.44
C ARG E 30 22.41 -13.20 -14.74
N LEU E 31 22.11 -14.25 -15.49
CA LEU E 31 21.66 -15.49 -14.87
C LEU E 31 22.86 -16.42 -14.62
N LEU E 32 23.16 -16.68 -13.36
CA LEU E 32 24.40 -17.35 -12.97
C LEU E 32 24.39 -18.89 -12.98
N SER E 33 23.27 -19.49 -13.34
CA SER E 33 23.19 -20.96 -13.36
C SER E 33 21.87 -21.40 -13.93
N GLU E 34 21.75 -22.71 -14.18
CA GLU E 34 20.48 -23.28 -14.65
C GLU E 34 19.34 -23.12 -13.64
N ASN E 35 19.67 -22.95 -12.36
CA ASN E 35 18.61 -22.81 -11.36
C ASN E 35 18.14 -21.36 -11.18
N ALA E 36 18.79 -20.41 -11.83
CA ALA E 36 18.36 -19.03 -11.70
C ALA E 36 17.09 -18.81 -12.51
N ARG E 37 16.29 -17.84 -12.08
CA ARG E 37 15.09 -17.45 -12.78
C ARG E 37 15.06 -15.93 -12.94
N MET E 38 14.71 -15.48 -14.15
CA MET E 38 14.62 -14.07 -14.46
C MET E 38 13.58 -13.41 -13.56
N PRO E 39 13.93 -12.28 -12.91
CA PRO E 39 12.95 -11.53 -12.11
C PRO E 39 11.65 -11.18 -12.88
N GLU E 40 10.53 -11.13 -12.16
CA GLU E 40 9.21 -10.99 -12.76
C GLU E 40 8.46 -9.77 -12.23
N ARG E 41 7.69 -9.13 -13.12
CA ARG E 41 6.85 -7.99 -12.77
C ARG E 41 5.47 -8.08 -13.41
N ASN E 42 4.43 -7.85 -12.61
CA ASN E 42 3.05 -7.96 -13.08
C ASN E 42 2.54 -6.74 -13.92
N HIS E 43 2.52 -5.49 -13.41
CA HIS E 43 2.46 -4.40 -14.39
C HIS E 43 3.65 -3.47 -14.26
N LYS E 44 3.70 -2.56 -15.22
CA LYS E 44 4.74 -1.57 -15.35
C LYS E 44 4.79 -0.62 -14.16
N THR E 45 3.63 -0.39 -13.58
CA THR E 45 3.46 0.61 -12.55
C THR E 45 3.93 0.08 -11.17
N ASP E 46 4.09 -1.24 -11.03
CA ASP E 46 4.46 -1.85 -9.74
C ASP E 46 5.82 -1.39 -9.21
N ALA E 47 5.99 -1.44 -7.89
CA ALA E 47 7.20 -0.95 -7.25
C ALA E 47 8.40 -1.88 -7.43
N GLY E 48 8.16 -3.20 -7.44
CA GLY E 48 9.28 -4.12 -7.39
C GLY E 48 9.32 -5.24 -8.41
N TYR E 49 10.46 -5.93 -8.46
CA TYR E 49 10.58 -7.16 -9.21
C TYR E 49 10.62 -8.32 -8.24
N ASP E 50 9.85 -9.36 -8.51
CA ASP E 50 9.85 -10.53 -7.66
C ASP E 50 11.12 -11.39 -7.88
N ILE E 51 11.71 -11.85 -6.79
CA ILE E 51 12.99 -12.55 -6.80
C ILE E 51 12.82 -14.00 -6.33
N PHE E 52 13.46 -14.94 -7.04
CA PHE E 52 13.26 -16.36 -6.74
C PHE E 52 14.45 -17.06 -6.09
N SER E 53 14.15 -17.94 -5.14
CA SER E 53 15.16 -18.79 -4.54
C SER E 53 15.72 -19.82 -5.53
N ALA E 54 17.04 -19.93 -5.57
CA ALA E 54 17.69 -20.89 -6.44
C ALA E 54 18.20 -22.17 -5.72
N GLU E 55 17.76 -22.41 -4.50
CA GLU E 55 18.24 -23.58 -3.77
C GLU E 55 17.23 -24.02 -2.75
N THR E 56 17.41 -25.23 -2.21
CA THR E 56 16.48 -25.80 -1.23
C THR E 56 17.15 -25.79 0.13
N VAL E 57 16.47 -25.22 1.12
CA VAL E 57 17.03 -24.97 2.45
C VAL E 57 15.97 -25.23 3.53
N VAL E 58 16.34 -26.03 4.54
CA VAL E 58 15.52 -26.26 5.73
C VAL E 58 15.99 -25.35 6.87
N LEU E 59 15.05 -24.67 7.52
CA LEU E 59 15.36 -23.77 8.63
C LEU E 59 14.51 -24.10 9.85
N GLU E 60 15.16 -24.71 10.85
CA GLU E 60 14.50 -25.01 12.10
C GLU E 60 14.28 -23.70 12.85
N PRO E 61 13.44 -23.71 13.91
CA PRO E 61 13.24 -22.50 14.72
C PRO E 61 14.52 -21.79 15.15
N GLN E 62 14.55 -20.47 14.95
CA GLN E 62 15.66 -19.55 15.27
C GLN E 62 16.90 -19.76 14.37
N GLU E 63 16.78 -20.63 13.38
CA GLU E 63 17.88 -20.83 12.45
C GLU E 63 17.97 -19.68 11.41
N LYS E 64 19.19 -19.36 10.96
CA LYS E 64 19.46 -18.25 10.01
C LYS E 64 20.18 -18.71 8.75
N ALA E 65 19.90 -18.07 7.61
CA ALA E 65 20.66 -18.36 6.39
C ALA E 65 20.73 -17.13 5.46
N VAL E 66 21.67 -17.14 4.53
CA VAL E 66 21.63 -16.25 3.38
C VAL E 66 21.38 -17.12 2.15
N ILE E 67 20.25 -16.90 1.51
CA ILE E 67 19.77 -17.77 0.47
C ILE E 67 20.12 -17.19 -0.89
N LYS E 68 20.71 -18.03 -1.74
CA LYS E 68 21.20 -17.58 -3.02
C LYS E 68 20.13 -17.63 -4.12
N THR E 69 20.18 -16.62 -5.00
CA THR E 69 19.22 -16.48 -6.10
C THR E 69 19.86 -16.82 -7.43
N ASP E 70 21.19 -16.89 -7.45
CA ASP E 70 21.96 -17.06 -8.68
C ASP E 70 21.68 -15.97 -9.71
N VAL E 71 21.46 -14.73 -9.24
CA VAL E 71 21.19 -13.60 -10.12
C VAL E 71 22.11 -12.43 -9.77
N ALA E 72 22.57 -11.72 -10.80
CA ALA E 72 23.38 -10.55 -10.60
C ALA E 72 22.77 -9.38 -11.39
N VAL E 73 22.96 -8.17 -10.88
CA VAL E 73 22.40 -6.99 -11.53
C VAL E 73 23.43 -5.89 -11.52
N SER E 74 23.27 -4.91 -12.40
CA SER E 74 24.16 -3.75 -12.35
C SER E 74 23.43 -2.46 -12.01
N ILE E 75 23.13 -2.27 -10.72
CA ILE E 75 22.49 -1.03 -10.26
C ILE E 75 23.36 0.15 -10.68
N PRO E 76 22.83 1.08 -11.49
CA PRO E 76 23.61 2.27 -11.92
C PRO E 76 23.96 3.25 -10.79
N GLU E 77 25.02 4.03 -11.01
CA GLU E 77 25.38 5.13 -10.12
C GLU E 77 24.19 6.08 -9.83
N GLY E 78 24.03 6.48 -8.57
CA GLY E 78 22.91 7.31 -8.19
C GLY E 78 21.70 6.59 -7.56
N TYR E 79 21.76 5.27 -7.42
CA TYR E 79 20.66 4.45 -6.89
C TYR E 79 21.14 3.41 -5.90
N VAL E 80 20.20 2.79 -5.21
CA VAL E 80 20.51 1.67 -4.33
C VAL E 80 19.39 0.66 -4.50
N GLY E 81 19.74 -0.62 -4.62
CA GLY E 81 18.72 -1.67 -4.73
C GLY E 81 18.31 -2.12 -3.34
N LEU E 82 17.02 -2.35 -3.14
CA LEU E 82 16.51 -2.81 -1.85
C LEU E 82 15.93 -4.20 -2.02
N LEU E 83 16.55 -5.17 -1.35
CA LEU E 83 16.15 -6.57 -1.42
C LEU E 83 15.33 -6.90 -0.16
N THR E 84 14.03 -7.07 -0.36
CA THR E 84 13.07 -6.84 0.71
C THR E 84 11.91 -7.85 0.66
N SER E 85 11.02 -7.81 1.66
CA SER E 85 10.02 -8.84 1.86
C SER E 85 8.74 -8.66 1.06
N ARG E 86 7.94 -9.72 1.01
CA ARG E 86 6.63 -9.68 0.38
C ARG E 86 5.50 -9.84 1.44
N SER E 87 4.42 -9.09 1.28
CA SER E 87 3.36 -9.03 2.27
C SER E 87 2.80 -10.39 2.65
N GLY E 88 2.56 -11.24 1.66
CA GLY E 88 1.92 -12.51 1.92
C GLY E 88 2.83 -13.41 2.72
N VAL E 89 4.11 -13.41 2.35
CA VAL E 89 5.07 -14.29 2.99
C VAL E 89 5.30 -13.87 4.43
N SER E 90 5.52 -12.57 4.64
CA SER E 90 5.92 -12.14 5.97
C SER E 90 4.74 -12.08 6.95
N SER E 91 3.53 -11.85 6.45
CA SER E 91 2.37 -11.83 7.35
C SER E 91 1.81 -13.25 7.61
N LYS E 92 2.08 -14.22 6.74
CA LYS E 92 1.53 -15.57 6.96
C LYS E 92 2.53 -16.62 7.46
N THR E 93 3.80 -16.25 7.61
CA THR E 93 4.80 -17.21 8.08
C THR E 93 5.68 -16.55 9.11
N HIS E 94 6.58 -17.32 9.71
CA HIS E 94 7.56 -16.79 10.67
C HIS E 94 8.90 -16.46 10.02
N LEU E 95 8.95 -16.51 8.70
CA LEU E 95 10.18 -16.17 7.97
C LEU E 95 10.37 -14.65 7.95
N VAL E 96 11.51 -14.20 8.47
CA VAL E 96 11.81 -12.78 8.61
C VAL E 96 13.02 -12.41 7.75
N ILE E 97 12.77 -11.60 6.72
CA ILE E 97 13.82 -11.15 5.84
C ILE E 97 14.27 -9.76 6.27
N GLU E 98 15.55 -9.62 6.59
CA GLU E 98 16.17 -8.31 6.78
C GLU E 98 16.51 -7.68 5.39
N THR E 99 16.08 -6.45 5.19
CA THR E 99 16.30 -5.74 3.92
C THR E 99 17.79 -5.48 3.62
N GLY E 100 18.25 -5.96 2.47
CA GLY E 100 19.61 -5.74 2.04
C GLY E 100 19.76 -4.52 1.14
N LYS E 101 20.81 -3.75 1.38
CA LYS E 101 21.11 -2.61 0.55
C LYS E 101 22.15 -3.05 -0.48
N ILE E 102 21.79 -3.01 -1.77
CA ILE E 102 22.75 -3.33 -2.86
C ILE E 102 23.43 -2.09 -3.43
N ASP E 103 24.75 -1.97 -3.24
CA ASP E 103 25.49 -0.85 -3.84
C ASP E 103 25.45 -0.89 -5.38
N ALA E 104 25.52 0.28 -6.00
CA ALA E 104 25.86 0.33 -7.39
C ALA E 104 27.27 -0.26 -7.47
N GLY E 105 27.53 -1.05 -8.50
CA GLY E 105 28.84 -1.69 -8.59
C GLY E 105 28.94 -3.11 -8.02
N TYR E 106 28.06 -3.50 -7.10
CA TYR E 106 28.08 -4.88 -6.64
C TYR E 106 27.59 -5.77 -7.77
N HIS E 107 28.43 -6.67 -8.25
CA HIS E 107 28.06 -7.50 -9.39
C HIS E 107 28.07 -8.97 -9.02
N GLY E 108 28.06 -9.30 -7.73
CA GLY E 108 28.02 -10.70 -7.31
C GLY E 108 26.62 -11.28 -7.21
N ASN E 109 26.56 -12.54 -6.80
CA ASN E 109 25.32 -13.26 -6.53
C ASN E 109 24.44 -12.54 -5.48
N LEU E 110 23.18 -12.30 -5.81
CA LEU E 110 22.24 -11.72 -4.85
C LEU E 110 21.81 -12.72 -3.78
N GLY E 111 21.95 -12.32 -2.52
CA GLY E 111 21.56 -13.16 -1.41
C GLY E 111 20.44 -12.58 -0.56
N ILE E 112 19.53 -13.46 -0.15
CA ILE E 112 18.39 -13.10 0.70
C ILE E 112 18.64 -13.45 2.16
N ASN E 113 18.65 -12.41 3.00
CA ASN E 113 19.02 -12.55 4.42
C ASN E 113 17.81 -12.90 5.30
N ILE E 114 17.75 -14.14 5.79
CA ILE E 114 16.50 -14.67 6.36
C ILE E 114 16.70 -15.34 7.71
N LYS E 115 15.69 -15.25 8.56
CA LYS E 115 15.57 -16.03 9.81
C LYS E 115 14.17 -16.66 9.96
N ASN E 116 14.14 -17.92 10.39
CA ASN E 116 12.90 -18.48 10.95
C ASN E 116 12.76 -17.98 12.41
N ASP E 117 11.92 -16.97 12.66
CA ASP E 117 11.83 -16.40 14.02
C ASP E 117 10.67 -17.03 14.83
N ALA E 118 10.21 -18.21 14.42
CA ALA E 118 9.38 -19.04 15.31
C ALA E 118 10.20 -19.58 16.49
N ILE E 119 9.52 -19.76 17.61
CA ILE E 119 10.15 -20.25 18.84
C ILE E 119 9.87 -21.73 18.96
N ALA E 120 10.91 -22.50 19.25
CA ALA E 120 10.78 -23.94 19.39
C ALA E 120 9.82 -24.31 20.50
N SER E 121 8.77 -25.06 20.16
CA SER E 121 7.85 -25.58 21.16
C SER E 121 8.46 -26.76 21.90
N ASN E 122 9.32 -26.48 22.88
CA ASN E 122 10.10 -27.51 23.58
C ASN E 122 9.27 -28.73 23.98
N GLY E 123 9.09 -29.62 23.03
CA GLY E 123 8.27 -30.82 23.22
C GLY E 123 7.98 -31.52 21.90
N TYR E 124 7.46 -30.77 20.93
CA TYR E 124 6.98 -31.39 19.71
C TYR E 124 8.02 -31.57 18.59
N ILE E 125 8.03 -32.77 18.04
CA ILE E 125 8.89 -33.10 16.91
C ILE E 125 8.04 -33.80 15.84
N THR E 126 8.46 -33.69 14.58
CA THR E 126 7.64 -34.12 13.46
C THR E 126 8.47 -34.34 12.20
N PRO E 127 7.98 -35.17 11.27
CA PRO E 127 8.61 -35.17 9.95
C PRO E 127 8.01 -34.11 9.01
N GLY E 128 7.12 -33.26 9.51
CA GLY E 128 6.49 -32.24 8.69
C GLY E 128 7.33 -30.97 8.55
N VAL E 129 7.17 -30.27 7.43
CA VAL E 129 7.82 -28.99 7.22
C VAL E 129 6.83 -28.03 6.62
N PHE E 130 6.85 -26.78 7.09
CA PHE E 130 5.95 -25.75 6.54
C PHE E 130 6.60 -25.13 5.33
N ASP E 131 5.81 -24.79 4.33
CA ASP E 131 6.34 -24.09 3.18
C ASP E 131 6.02 -22.60 3.26
N ILE E 132 6.33 -21.89 2.18
CA ILE E 132 6.30 -20.42 2.12
C ILE E 132 4.87 -19.87 2.02
N LYS E 133 3.89 -20.77 1.86
CA LYS E 133 2.48 -20.41 1.91
C LYS E 133 1.83 -20.78 3.24
N GLY E 134 2.64 -21.25 4.20
CA GLY E 134 2.11 -21.68 5.48
C GLY E 134 1.44 -23.05 5.50
N GLU E 135 1.65 -23.85 4.47
CA GLU E 135 1.07 -25.18 4.43
C GLU E 135 2.12 -26.25 4.81
N ILE E 136 1.67 -27.40 5.31
CA ILE E 136 2.59 -28.46 5.78
C ILE E 136 2.72 -29.60 4.79
N ASP E 137 3.95 -30.04 4.57
CA ASP E 137 4.18 -31.23 3.77
C ASP E 137 5.12 -32.18 4.52
N LEU E 138 5.18 -33.40 4.03
CA LEU E 138 5.90 -34.47 4.67
C LEU E 138 7.35 -34.41 4.25
N SER E 139 8.26 -34.48 5.20
CA SER E 139 9.68 -34.48 4.89
C SER E 139 10.39 -35.79 5.27
N ASP E 140 11.69 -35.83 5.06
CA ASP E 140 12.48 -37.04 5.24
C ASP E 140 13.24 -37.18 6.57
N ALA E 141 12.84 -36.41 7.58
CA ALA E 141 13.56 -36.42 8.83
C ALA E 141 12.75 -35.78 9.93
N ILE E 142 13.00 -36.23 11.15
CA ILE E 142 12.25 -35.77 12.31
C ILE E 142 12.91 -34.45 12.72
N ARG E 143 12.10 -33.41 12.92
CA ARG E 143 12.61 -32.12 13.34
C ARG E 143 11.64 -31.41 14.28
N GLN E 144 12.07 -30.31 14.86
CA GLN E 144 11.19 -29.54 15.74
C GLN E 144 9.98 -29.02 14.98
N TYR E 145 8.82 -29.09 15.60
CA TYR E 145 7.62 -28.51 15.04
C TYR E 145 7.84 -27.02 14.83
N GLY E 146 7.55 -26.54 13.63
CA GLY E 146 7.69 -25.12 13.31
C GLY E 146 8.88 -24.84 12.41
N THR E 147 9.52 -25.92 11.95
CA THR E 147 10.52 -25.90 10.88
C THR E 147 9.94 -25.56 9.51
N TYR E 148 10.65 -24.74 8.74
CA TYR E 148 10.25 -24.42 7.39
C TYR E 148 11.22 -24.98 6.38
N GLN E 149 10.69 -25.30 5.20
CA GLN E 149 11.56 -25.66 4.09
C GLN E 149 11.31 -24.73 2.92
N ILE E 150 12.34 -23.98 2.55
CA ILE E 150 12.31 -23.15 1.33
C ILE E 150 12.73 -23.98 0.13
N ASN E 151 11.96 -23.89 -0.96
CA ASN E 151 12.26 -24.68 -2.14
C ASN E 151 12.82 -23.86 -3.29
N GLU E 152 13.61 -24.52 -4.12
CA GLU E 152 14.09 -23.94 -5.37
C GLU E 152 12.90 -23.45 -6.19
N GLY E 153 12.91 -22.17 -6.53
CA GLY E 153 11.79 -21.61 -7.25
C GLY E 153 10.78 -20.81 -6.44
N ASP E 154 10.86 -20.87 -5.11
CA ASP E 154 9.98 -20.08 -4.24
C ASP E 154 10.15 -18.58 -4.49
N LYS E 155 9.02 -17.89 -4.59
CA LYS E 155 9.00 -16.46 -4.86
C LYS E 155 9.12 -15.72 -3.53
N LEU E 156 10.35 -15.37 -3.16
CA LEU E 156 10.70 -15.19 -1.75
C LEU E 156 10.78 -13.73 -1.30
N ALA E 157 11.20 -12.86 -2.21
CA ALA E 157 11.53 -11.49 -1.87
C ALA E 157 11.28 -10.62 -3.08
N GLN E 158 11.66 -9.35 -3.00
CA GLN E 158 11.44 -8.48 -4.13
C GLN E 158 12.47 -7.36 -4.15
N LEU E 159 12.73 -6.85 -5.35
CA LEU E 159 13.78 -5.86 -5.55
C LEU E 159 13.17 -4.51 -5.85
N VAL E 160 13.50 -3.52 -5.03
CA VAL E 160 13.01 -2.17 -5.25
C VAL E 160 14.23 -1.28 -5.33
N ILE E 161 14.19 -0.34 -6.27
CA ILE E 161 15.37 0.46 -6.59
C ILE E 161 14.97 1.91 -6.46
N VAL E 162 15.72 2.66 -5.65
CA VAL E 162 15.40 4.07 -5.40
C VAL E 162 16.61 4.96 -5.57
N PRO E 163 16.40 6.25 -5.92
CA PRO E 163 17.51 7.21 -5.97
C PRO E 163 18.08 7.59 -4.60
N ILE E 164 19.36 7.97 -4.57
CA ILE E 164 20.06 8.41 -3.35
C ILE E 164 20.80 9.71 -3.53
N TRP E 165 21.12 10.34 -2.41
CA TRP E 165 21.94 11.52 -2.34
C TRP E 165 23.25 11.10 -1.68
N THR E 166 24.40 11.44 -2.27
CA THR E 166 25.68 11.04 -1.69
C THR E 166 26.68 12.20 -1.59
N PRO E 167 26.42 13.12 -0.66
CA PRO E 167 27.18 14.37 -0.57
C PRO E 167 28.56 14.21 0.04
N GLU E 168 29.32 15.30 0.09
CA GLU E 168 30.55 15.33 0.86
C GLU E 168 30.22 15.70 2.30
N LEU E 169 31.01 15.23 3.26
CA LEU E 169 30.77 15.63 4.65
C LEU E 169 31.55 16.91 5.03
N LYS E 170 30.92 17.80 5.78
CA LYS E 170 31.65 18.92 6.37
C LYS E 170 31.37 18.97 7.87
N GLN E 171 32.43 18.86 8.64
CA GLN E 171 32.36 19.05 10.07
C GLN E 171 32.23 20.53 10.41
N VAL E 172 31.28 20.84 11.28
CA VAL E 172 30.98 22.20 11.71
C VAL E 172 30.85 22.19 13.23
N GLU E 173 30.94 23.34 13.89
CA GLU E 173 30.72 23.34 15.34
C GLU E 173 29.27 23.69 15.68
N GLU E 174 28.60 24.42 14.78
CA GLU E 174 27.18 24.73 14.89
C GLU E 174 26.51 24.66 13.52
N PHE E 175 25.24 24.25 13.50
CA PHE E 175 24.53 24.09 12.22
C PHE E 175 24.11 25.47 11.71
N GLU E 176 23.99 25.63 10.40
CA GLU E 176 23.58 26.92 9.84
C GLU E 176 22.28 26.79 9.06
N LEU F 11 15.60 -19.73 -26.52
CA LEU F 11 14.47 -20.35 -25.81
C LEU F 11 13.91 -21.56 -26.56
N PRO F 12 13.22 -22.47 -25.85
CA PRO F 12 12.67 -23.69 -26.46
C PRO F 12 11.86 -23.44 -27.72
N THR F 13 11.68 -24.49 -28.52
CA THR F 13 10.99 -24.37 -29.80
C THR F 13 9.51 -24.03 -29.60
N HIS F 14 8.91 -24.57 -28.55
CA HIS F 14 7.47 -24.47 -28.35
C HIS F 14 6.98 -23.04 -28.12
N TYR F 15 7.90 -22.15 -27.75
CA TYR F 15 7.56 -20.73 -27.64
C TYR F 15 6.90 -20.21 -28.91
N GLY F 16 7.29 -20.78 -30.05
CA GLY F 16 6.76 -20.39 -31.34
C GLY F 16 5.26 -20.60 -31.45
N THR F 17 4.80 -21.76 -30.98
CA THR F 17 3.39 -22.06 -30.88
C THR F 17 2.65 -21.08 -29.98
N ILE F 18 3.24 -20.83 -28.81
CA ILE F 18 2.67 -19.93 -27.81
C ILE F 18 2.42 -18.58 -28.42
N ILE F 19 3.37 -18.10 -29.22
CA ILE F 19 3.23 -16.79 -29.81
C ILE F 19 2.19 -16.78 -30.95
N LYS F 20 2.24 -17.78 -31.82
CA LYS F 20 1.27 -17.87 -32.90
C LYS F 20 -0.15 -18.00 -32.35
N THR F 21 -0.32 -18.84 -31.34
CA THR F 21 -1.65 -19.05 -30.75
C THR F 21 -2.18 -17.75 -30.14
N LEU F 22 -1.31 -17.04 -29.44
CA LEU F 22 -1.63 -15.79 -28.73
C LEU F 22 -1.92 -14.68 -29.71
N ARG F 23 -1.11 -14.58 -30.76
CA ARG F 23 -1.30 -13.58 -31.82
C ARG F 23 -2.69 -13.69 -32.44
N LYS F 24 -3.13 -14.94 -32.63
CA LYS F 24 -4.43 -15.17 -33.24
C LYS F 24 -5.57 -14.91 -32.27
N TYR F 25 -5.37 -15.29 -31.02
CA TYR F 25 -6.33 -14.98 -29.95
C TYR F 25 -6.56 -13.48 -29.80
N MET F 26 -5.50 -12.68 -29.94
CA MET F 26 -5.62 -11.23 -29.84
C MET F 26 -6.05 -10.58 -31.16
N LYS F 27 -6.50 -11.41 -32.10
CA LYS F 27 -7.01 -10.95 -33.40
C LYS F 27 -6.02 -9.99 -34.12
N LEU F 28 -4.75 -10.38 -34.16
CA LEU F 28 -3.73 -9.60 -34.84
C LEU F 28 -3.08 -10.35 -36.01
N THR F 29 -2.67 -9.61 -37.04
CA THR F 29 -2.00 -10.22 -38.18
C THR F 29 -0.51 -10.18 -37.95
N GLN F 30 0.23 -11.08 -38.60
CA GLN F 30 1.68 -11.09 -38.51
C GLN F 30 2.22 -9.71 -38.86
N SER F 31 1.58 -9.09 -39.84
CA SER F 31 1.90 -7.73 -40.21
C SER F 31 1.71 -6.78 -39.03
N LYS F 32 0.48 -6.75 -38.50
CA LYS F 32 0.11 -5.81 -37.45
C LYS F 32 0.95 -5.95 -36.20
N LEU F 33 1.45 -7.16 -35.96
CA LEU F 33 2.36 -7.44 -34.86
C LEU F 33 3.77 -6.93 -35.14
N SER F 34 4.15 -6.94 -36.42
CA SER F 34 5.41 -6.34 -36.84
C SER F 34 5.37 -4.84 -36.58
N GLU F 35 4.21 -4.24 -36.83
CA GLU F 35 4.10 -2.80 -36.65
C GLU F 35 4.19 -2.42 -35.17
N ARG F 36 3.79 -3.34 -34.29
CA ARG F 36 3.87 -3.08 -32.85
C ARG F 36 5.15 -3.57 -32.17
N THR F 37 5.76 -4.63 -32.67
CA THR F 37 7.01 -5.11 -32.05
C THR F 37 8.27 -4.53 -32.69
N GLY F 38 8.23 -4.31 -34.01
CA GLY F 38 9.39 -3.83 -34.72
C GLY F 38 10.26 -4.97 -35.21
N PHE F 39 9.68 -6.17 -35.31
CA PHE F 39 10.30 -7.29 -36.01
C PHE F 39 9.86 -7.29 -37.47
N SER F 40 10.70 -7.79 -38.38
CA SER F 40 10.25 -7.99 -39.75
C SER F 40 9.33 -9.20 -39.79
N GLN F 41 8.37 -9.20 -40.72
CA GLN F 41 7.40 -10.28 -40.77
C GLN F 41 7.98 -11.63 -41.13
N ASN F 42 9.13 -11.63 -41.80
CA ASN F 42 9.80 -12.91 -42.04
C ASN F 42 10.34 -13.50 -40.73
N THR F 43 10.90 -12.65 -39.87
CA THR F 43 11.37 -13.12 -38.57
C THR F 43 10.23 -13.65 -37.70
N ILE F 44 9.09 -12.99 -37.73
CA ILE F 44 7.94 -13.42 -36.95
C ILE F 44 7.46 -14.78 -37.43
N SER F 45 7.37 -14.92 -38.75
CA SER F 45 7.03 -16.20 -39.38
C SER F 45 8.06 -17.25 -39.09
N ASN F 46 9.32 -16.84 -38.97
CA ASN F 46 10.34 -17.79 -38.58
C ASN F 46 10.28 -18.11 -37.09
N HIS F 47 9.89 -17.20 -36.19
CA HIS F 47 9.85 -17.69 -34.77
C HIS F 47 8.67 -18.65 -34.64
N GLU F 48 7.55 -18.31 -35.26
CA GLU F 48 6.37 -19.12 -35.08
C GLU F 48 6.54 -20.51 -35.68
N ASN F 49 7.19 -20.60 -36.83
CA ASN F 49 7.34 -21.89 -37.51
C ASN F 49 8.39 -22.81 -36.86
N GLY F 50 9.35 -22.22 -36.16
CA GLY F 50 10.36 -22.97 -35.43
C GLY F 50 11.74 -22.94 -36.05
N ASN F 51 11.91 -22.08 -37.04
CA ASN F 51 13.16 -22.00 -37.77
C ASN F 51 14.21 -21.28 -36.93
N ARG F 52 13.91 -20.06 -36.52
CA ARG F 52 14.80 -19.31 -35.64
C ARG F 52 14.33 -19.40 -34.17
N ASN F 53 15.27 -19.69 -33.27
CA ASN F 53 14.95 -19.74 -31.84
C ASN F 53 14.68 -18.34 -31.31
N ILE F 54 14.15 -18.27 -30.10
CA ILE F 54 13.40 -17.08 -29.66
C ILE F 54 14.24 -16.09 -28.83
N GLY F 55 14.81 -16.56 -27.72
CA GLY F 55 15.66 -15.68 -26.95
C GLY F 55 14.91 -14.87 -25.92
N VAL F 56 15.43 -14.84 -24.71
CA VAL F 56 14.72 -14.30 -23.54
C VAL F 56 14.43 -12.79 -23.59
N ASN F 57 15.30 -12.01 -24.26
CA ASN F 57 15.00 -10.61 -24.41
C ASN F 57 13.91 -10.37 -25.44
N GLU F 58 13.77 -11.28 -26.40
CA GLU F 58 12.76 -11.10 -27.43
C GLU F 58 11.36 -11.35 -26.86
N ILE F 59 11.26 -12.29 -25.92
CA ILE F 59 9.97 -12.63 -25.31
C ILE F 59 9.26 -11.43 -24.64
N GLU F 60 10.04 -10.56 -24.00
CA GLU F 60 9.45 -9.39 -23.39
C GLU F 60 8.97 -8.36 -24.43
N ILE F 61 9.61 -8.35 -25.59
CA ILE F 61 9.16 -7.48 -26.67
C ILE F 61 7.81 -7.93 -27.22
N TYR F 62 7.68 -9.24 -27.44
CA TYR F 62 6.44 -9.83 -27.87
C TYR F 62 5.32 -9.57 -26.88
N GLY F 63 5.61 -9.79 -25.60
CA GLY F 63 4.66 -9.52 -24.54
C GLY F 63 4.06 -8.15 -24.67
N LYS F 64 4.93 -7.14 -24.81
CA LYS F 64 4.49 -5.77 -24.97
C LYS F 64 3.62 -5.63 -26.23
N GLY F 65 4.02 -6.29 -27.32
CA GLY F 65 3.30 -6.22 -28.57
C GLY F 65 1.91 -6.86 -28.53
N LEU F 66 1.82 -7.99 -27.83
CA LEU F 66 0.55 -8.70 -27.64
C LEU F 66 -0.33 -8.08 -26.55
N GLY F 67 0.26 -7.27 -25.68
CA GLY F 67 -0.48 -6.69 -24.57
C GLY F 67 -0.72 -7.75 -23.50
N ILE F 68 0.25 -8.64 -23.35
CA ILE F 68 0.21 -9.68 -22.33
C ILE F 68 1.48 -9.65 -21.49
N PRO F 69 1.33 -9.61 -20.15
CA PRO F 69 2.51 -9.65 -19.27
C PRO F 69 3.41 -10.83 -19.64
N SER F 70 4.70 -10.58 -19.87
CA SER F 70 5.56 -11.59 -20.49
C SER F 70 5.83 -12.79 -19.60
N TYR F 71 5.70 -12.65 -18.28
CA TYR F 71 5.99 -13.77 -17.40
C TYR F 71 4.97 -14.90 -17.63
N ILE F 72 3.77 -14.50 -18.04
CA ILE F 72 2.71 -15.45 -18.36
C ILE F 72 3.13 -16.38 -19.51
N LEU F 73 3.95 -15.88 -20.43
CA LEU F 73 4.46 -16.72 -21.51
C LEU F 73 5.39 -17.80 -20.96
N HIS F 74 6.27 -17.42 -20.04
CA HIS F 74 7.15 -18.41 -19.39
C HIS F 74 6.33 -19.39 -18.55
N ARG F 75 5.25 -18.92 -17.91
CA ARG F 75 4.40 -19.85 -17.16
C ARG F 75 3.78 -20.90 -18.09
N ILE F 76 3.24 -20.46 -19.24
CA ILE F 76 2.67 -21.40 -20.19
C ILE F 76 3.74 -22.37 -20.71
N SER F 77 4.95 -21.85 -20.94
CA SER F 77 6.08 -22.69 -21.32
C SER F 77 6.40 -23.76 -20.28
N ASP F 78 6.32 -23.40 -18.99
CA ASP F 78 6.53 -24.34 -17.90
C ASP F 78 5.48 -25.44 -17.89
N GLU F 79 4.28 -25.13 -18.38
CA GLU F 79 3.22 -26.13 -18.47
C GLU F 79 3.54 -27.14 -19.57
N PHE F 80 4.06 -26.64 -20.68
CA PHE F 80 4.47 -27.51 -21.79
C PHE F 80 5.51 -28.49 -21.29
N LYS F 81 6.42 -27.99 -20.48
CA LYS F 81 7.50 -28.81 -19.95
C LYS F 81 7.05 -29.87 -18.95
N GLU F 82 5.94 -29.63 -18.26
CA GLU F 82 5.49 -30.57 -17.23
C GLU F 82 4.54 -31.63 -17.79
N LYS F 83 3.82 -31.32 -18.88
CA LYS F 83 2.78 -32.23 -19.38
C LYS F 83 2.79 -32.44 -20.89
N GLY F 84 3.66 -31.74 -21.63
CA GLY F 84 3.68 -31.86 -23.09
C GLY F 84 2.74 -30.89 -23.82
N TYR F 85 1.81 -30.32 -23.06
CA TYR F 85 0.89 -29.32 -23.60
C TYR F 85 0.50 -28.32 -22.50
N SER F 86 -0.34 -27.34 -22.85
CA SER F 86 -0.76 -26.30 -21.90
C SER F 86 -2.27 -26.13 -21.83
N PRO F 87 -2.86 -26.58 -20.73
CA PRO F 87 -4.29 -26.36 -20.43
C PRO F 87 -4.67 -24.89 -20.47
N THR F 88 -3.80 -24.05 -19.89
CA THR F 88 -4.02 -22.62 -19.84
C THR F 88 -4.10 -22.05 -21.25
N LEU F 89 -3.16 -22.48 -22.10
CA LEU F 89 -3.12 -22.00 -23.47
C LEU F 89 -4.37 -22.43 -24.23
N ASN F 90 -4.77 -23.69 -24.05
CA ASN F 90 -5.94 -24.23 -24.74
C ASN F 90 -7.26 -23.50 -24.42
N ASP F 91 -7.49 -23.16 -23.16
CA ASP F 91 -8.67 -22.37 -22.79
C ASP F 91 -8.29 -20.97 -22.30
N PHE F 92 -7.49 -20.28 -23.11
CA PHE F 92 -6.95 -18.99 -22.74
C PHE F 92 -8.02 -17.92 -22.53
N GLY F 93 -9.18 -18.07 -23.14
CA GLY F 93 -10.26 -17.10 -22.99
C GLY F 93 -10.72 -17.07 -21.53
N LYS F 94 -10.94 -18.27 -20.98
CA LYS F 94 -11.30 -18.42 -19.60
C LYS F 94 -10.22 -17.90 -18.65
N PHE F 95 -8.96 -18.04 -19.05
CA PHE F 95 -7.86 -17.56 -18.22
C PHE F 95 -7.89 -16.05 -18.20
N ASP F 96 -8.18 -15.46 -19.35
CA ASP F 96 -8.23 -14.00 -19.48
C ASP F 96 -9.31 -13.40 -18.58
N LYS F 97 -10.49 -14.04 -18.54
CA LYS F 97 -11.61 -13.53 -17.77
C LYS F 97 -11.30 -13.59 -16.28
N MET F 98 -10.80 -14.73 -15.82
CA MET F 98 -10.49 -14.93 -14.40
C MET F 98 -9.34 -14.02 -13.93
N TYR F 99 -8.34 -13.85 -14.78
CA TYR F 99 -7.16 -13.08 -14.42
C TYR F 99 -7.56 -11.62 -14.24
N SER F 100 -8.50 -11.16 -15.07
CA SER F 100 -9.11 -9.86 -14.84
C SER F 100 -9.71 -9.69 -13.45
N TYR F 101 -10.54 -10.64 -13.03
CA TYR F 101 -11.17 -10.60 -11.71
C TYR F 101 -10.14 -10.59 -10.60
N VAL F 102 -9.18 -11.53 -10.69
CA VAL F 102 -8.11 -11.68 -9.72
C VAL F 102 -7.30 -10.39 -9.53
N ASN F 103 -6.90 -9.76 -10.63
CA ASN F 103 -6.17 -8.50 -10.56
C ASN F 103 -6.96 -7.37 -9.92
N LYS F 104 -8.24 -7.27 -10.27
CA LYS F 104 -9.12 -6.31 -9.64
C LYS F 104 -9.19 -6.55 -8.12
N ALA F 105 -9.31 -7.82 -7.70
CA ALA F 105 -9.30 -8.18 -6.28
C ALA F 105 -7.99 -7.73 -5.59
N TYR F 106 -6.84 -8.04 -6.20
CA TYR F 106 -5.52 -7.76 -5.62
C TYR F 106 -5.29 -6.26 -5.39
N TYR F 107 -5.75 -5.44 -6.31
CA TYR F 107 -5.54 -4.02 -6.19
C TYR F 107 -6.67 -3.25 -5.45
N ASN F 108 -7.78 -3.91 -5.12
CA ASN F 108 -8.88 -3.22 -4.45
C ASN F 108 -9.37 -3.85 -3.16
N ASP F 109 -8.72 -4.90 -2.67
CA ASP F 109 -9.17 -5.57 -1.43
C ASP F 109 -8.01 -6.05 -0.57
N GLY F 110 -7.91 -5.51 0.64
CA GLY F 110 -6.80 -5.78 1.53
C GLY F 110 -6.63 -7.22 2.01
N ASP F 111 -7.72 -7.96 2.12
CA ASP F 111 -7.60 -9.38 2.44
C ASP F 111 -6.78 -10.10 1.36
N ILE F 112 -6.93 -9.69 0.10
CA ILE F 112 -6.20 -10.31 -1.00
C ILE F 112 -4.77 -9.75 -1.03
N TYR F 113 -4.66 -8.43 -1.04
CA TYR F 113 -3.37 -7.75 -1.16
C TYR F 113 -2.32 -8.16 -0.12
N TYR F 114 -2.72 -8.44 1.11
CA TYR F 114 -1.75 -8.82 2.14
C TYR F 114 -1.63 -10.35 2.32
N SER F 115 -2.43 -11.13 1.61
CA SER F 115 -2.39 -12.60 1.71
C SER F 115 -1.87 -13.33 0.47
N SER F 116 -2.03 -12.71 -0.70
CA SER F 116 -1.69 -13.37 -1.97
C SER F 116 -0.22 -13.77 -2.02
N TYR F 117 0.03 -14.94 -2.60
CA TYR F 117 1.37 -15.46 -2.81
C TYR F 117 1.81 -15.33 -4.27
N ASP F 118 0.88 -15.63 -5.18
CA ASP F 118 1.13 -15.65 -6.63
C ASP F 118 -0.17 -15.59 -7.46
N LEU F 119 -0.36 -14.48 -8.18
CA LEU F 119 -1.56 -14.23 -9.03
C LEU F 119 -1.87 -15.30 -10.07
N TYR F 120 -0.84 -15.78 -10.77
CA TYR F 120 -1.04 -16.72 -11.85
C TYR F 120 -1.54 -18.06 -11.29
N ASP F 121 -0.87 -18.54 -10.25
CA ASP F 121 -1.26 -19.80 -9.62
C ASP F 121 -2.63 -19.74 -8.96
N GLU F 122 -3.00 -18.57 -8.46
CA GLU F 122 -4.28 -18.42 -7.80
C GLU F 122 -5.40 -18.40 -8.84
N THR F 123 -5.14 -17.75 -9.99
CA THR F 123 -6.05 -17.78 -11.13
C THR F 123 -6.39 -19.22 -11.53
N ILE F 124 -5.36 -20.05 -11.54
CA ILE F 124 -5.48 -21.43 -11.98
C ILE F 124 -6.19 -22.31 -10.95
N LYS F 125 -5.96 -22.06 -9.66
CA LYS F 125 -6.68 -22.81 -8.63
C LYS F 125 -8.17 -22.49 -8.68
N LEU F 126 -8.50 -21.24 -8.99
CA LEU F 126 -9.90 -20.82 -9.02
C LEU F 126 -10.66 -21.46 -10.19
N LEU F 127 -10.02 -21.54 -11.36
CA LEU F 127 -10.62 -22.14 -12.56
C LEU F 127 -10.84 -23.65 -12.39
N GLU F 128 -9.96 -24.27 -11.63
CA GLU F 128 -10.04 -25.70 -11.39
C GLU F 128 -11.21 -26.00 -10.48
N LEU F 129 -11.45 -25.10 -9.53
CA LEU F 129 -12.55 -25.25 -8.60
C LEU F 129 -13.91 -25.10 -9.28
N LEU F 130 -13.98 -24.15 -10.22
CA LEU F 130 -15.15 -24.02 -11.07
C LEU F 130 -15.43 -25.27 -11.90
N LYS F 131 -14.36 -25.83 -12.48
CA LYS F 131 -14.47 -27.01 -13.35
C LYS F 131 -14.99 -28.22 -12.62
N GLU F 132 -14.48 -28.41 -11.40
CA GLU F 132 -14.85 -29.54 -10.58
C GLU F 132 -16.32 -29.46 -10.20
N SER F 133 -16.88 -28.24 -10.24
CA SER F 133 -18.30 -28.04 -9.91
C SER F 133 -19.15 -27.71 -11.13
N LYS F 134 -18.62 -27.96 -12.31
CA LYS F 134 -19.37 -27.82 -13.55
C LYS F 134 -19.98 -26.42 -13.66
N ILE F 135 -19.20 -25.41 -13.26
CA ILE F 135 -19.66 -24.00 -13.31
C ILE F 135 -18.84 -23.17 -14.31
N ASN F 136 -19.51 -22.51 -15.25
CA ASN F 136 -18.83 -21.76 -16.30
C ASN F 136 -18.56 -20.31 -15.88
N VAL F 137 -17.30 -19.91 -16.00
CA VAL F 137 -16.80 -18.59 -15.65
C VAL F 137 -17.51 -17.41 -16.34
N ASN F 138 -18.20 -17.65 -17.45
CA ASN F 138 -19.02 -16.60 -18.06
C ASN F 138 -20.35 -16.36 -17.33
N ASP F 139 -20.77 -17.29 -16.49
CA ASP F 139 -22.03 -17.15 -15.78
C ASP F 139 -21.93 -16.73 -14.32
N ILE F 140 -20.77 -16.24 -13.92
CA ILE F 140 -20.63 -15.67 -12.60
C ILE F 140 -20.05 -14.26 -12.71
N ASP F 141 -19.94 -13.57 -11.58
CA ASP F 141 -19.47 -12.19 -11.57
C ASP F 141 -18.29 -12.02 -10.60
N TYR F 142 -17.78 -10.80 -10.52
CA TYR F 142 -16.68 -10.45 -9.63
C TYR F 142 -16.90 -10.95 -8.20
N ASP F 143 -17.99 -10.47 -7.57
CA ASP F 143 -18.22 -10.78 -6.16
C ASP F 143 -18.30 -12.27 -5.82
N TYR F 144 -18.77 -13.12 -6.74
CA TYR F 144 -18.73 -14.56 -6.51
C TYR F 144 -17.28 -15.04 -6.47
N VAL F 145 -16.46 -14.49 -7.35
CA VAL F 145 -15.05 -14.86 -7.45
C VAL F 145 -14.29 -14.37 -6.20
N LEU F 146 -14.61 -13.17 -5.75
CA LEU F 146 -13.97 -12.58 -4.58
C LEU F 146 -14.17 -13.40 -3.31
N LYS F 147 -15.36 -13.97 -3.14
CA LYS F 147 -15.67 -14.71 -1.91
C LYS F 147 -14.91 -16.01 -1.92
N LEU F 148 -14.87 -16.63 -3.09
CA LEU F 148 -14.16 -17.90 -3.26
C LEU F 148 -12.64 -17.72 -3.07
N TYR F 149 -12.13 -16.58 -3.55
CA TYR F 149 -10.70 -16.25 -3.54
C TYR F 149 -10.20 -15.98 -2.09
N LYS F 150 -11.02 -15.32 -1.26
CA LYS F 150 -10.69 -15.19 0.15
C LYS F 150 -10.62 -16.56 0.87
N GLN F 151 -11.54 -17.46 0.54
CA GLN F 151 -11.49 -18.82 1.11
C GLN F 151 -10.17 -19.53 0.83
N ILE F 152 -9.76 -19.56 -0.43
CA ILE F 152 -8.57 -20.33 -0.76
C ILE F 152 -7.33 -19.69 -0.11
N LEU F 153 -7.42 -18.43 0.32
CA LEU F 153 -6.29 -17.78 0.99
C LEU F 153 -6.33 -17.81 2.53
N SER F 154 -7.29 -18.48 3.12
CA SER F 154 -7.24 -18.67 4.57
C SER F 154 -6.76 -20.06 4.95
N THR G 24 -35.29 -9.05 -36.83
CA THR G 24 -34.33 -7.95 -36.65
C THR G 24 -34.06 -7.68 -35.18
N ASN G 25 -34.88 -8.28 -34.33
CA ASN G 25 -34.76 -8.20 -32.88
C ASN G 25 -34.85 -6.78 -32.30
N THR G 26 -35.74 -5.97 -32.84
CA THR G 26 -36.08 -4.71 -32.18
C THR G 26 -37.58 -4.56 -32.11
N LEU G 27 -38.08 -3.92 -31.06
CA LEU G 27 -39.51 -3.66 -30.92
C LEU G 27 -39.74 -2.17 -30.99
N GLN G 28 -40.57 -1.73 -31.93
CA GLN G 28 -40.93 -0.31 -32.07
C GLN G 28 -41.94 0.17 -31.03
N VAL G 29 -41.67 1.33 -30.45
CA VAL G 29 -42.47 1.89 -29.35
C VAL G 29 -42.89 3.35 -29.63
N ARG G 30 -44.16 3.72 -29.40
CA ARG G 30 -44.57 5.12 -29.51
C ARG G 30 -44.99 5.70 -28.16
N LEU G 31 -44.39 6.84 -27.82
CA LEU G 31 -44.78 7.57 -26.63
C LEU G 31 -45.86 8.56 -27.01
N LEU G 32 -47.06 8.37 -26.46
CA LEU G 32 -48.23 9.09 -26.93
C LEU G 32 -48.49 10.41 -26.18
N SER G 33 -47.69 10.70 -25.15
CA SER G 33 -47.88 11.93 -24.37
C SER G 33 -46.70 12.18 -23.45
N GLU G 34 -46.74 13.32 -22.78
CA GLU G 34 -45.70 13.68 -21.83
C GLU G 34 -45.80 12.91 -20.52
N ASN G 35 -46.90 12.18 -20.31
CA ASN G 35 -47.01 11.34 -19.12
C ASN G 35 -46.55 9.90 -19.38
N ALA G 36 -46.14 9.62 -20.61
CA ALA G 36 -45.74 8.28 -20.96
C ALA G 36 -44.32 8.00 -20.51
N ARG G 37 -44.11 6.78 -20.03
CA ARG G 37 -42.78 6.35 -19.68
C ARG G 37 -42.33 5.18 -20.55
N MET G 38 -41.12 5.27 -21.08
CA MET G 38 -40.55 4.16 -21.83
C MET G 38 -40.51 2.93 -20.90
N PRO G 39 -40.96 1.76 -21.40
CA PRO G 39 -40.91 0.50 -20.67
C PRO G 39 -39.47 0.17 -20.23
N GLU G 40 -39.31 -0.57 -19.13
CA GLU G 40 -38.02 -0.78 -18.48
C GLU G 40 -37.69 -2.26 -18.27
N ARG G 41 -36.40 -2.60 -18.40
CA ARG G 41 -35.92 -3.96 -18.16
C ARG G 41 -34.56 -3.96 -17.41
N ASN G 42 -34.43 -4.85 -16.44
CA ASN G 42 -33.25 -4.95 -15.57
C ASN G 42 -32.09 -5.64 -16.23
N HIS G 43 -32.43 -6.71 -16.90
CA HIS G 43 -31.55 -7.84 -17.14
C HIS G 43 -31.96 -8.44 -18.47
N LYS G 44 -30.99 -8.64 -19.36
CA LYS G 44 -31.29 -9.04 -20.73
C LYS G 44 -32.13 -10.33 -20.74
N THR G 45 -31.86 -11.21 -19.79
CA THR G 45 -32.55 -12.48 -19.66
C THR G 45 -33.99 -12.44 -19.05
N ASP G 46 -34.40 -11.30 -18.51
CA ASP G 46 -35.73 -11.21 -17.90
C ASP G 46 -36.83 -11.43 -18.93
N ALA G 47 -37.85 -12.16 -18.51
CA ALA G 47 -39.03 -12.43 -19.31
C ALA G 47 -39.78 -11.20 -19.88
N GLY G 48 -39.83 -10.09 -19.14
CA GLY G 48 -40.73 -9.02 -19.51
C GLY G 48 -40.25 -7.58 -19.34
N TYR G 49 -41.05 -6.65 -19.86
CA TYR G 49 -40.79 -5.22 -19.75
C TYR G 49 -41.79 -4.57 -18.81
N ASP G 50 -41.32 -3.88 -17.78
CA ASP G 50 -42.26 -3.28 -16.83
C ASP G 50 -42.98 -2.12 -17.50
N ILE G 51 -44.27 -1.97 -17.19
CA ILE G 51 -45.18 -1.02 -17.84
C ILE G 51 -45.77 -0.06 -16.81
N PHE G 52 -45.87 1.22 -17.16
CA PHE G 52 -46.26 2.30 -16.22
C PHE G 52 -47.60 2.98 -16.51
N SER G 53 -48.37 3.20 -15.45
CA SER G 53 -49.59 3.98 -15.50
C SER G 53 -49.29 5.42 -15.93
N ALA G 54 -50.14 5.95 -16.80
CA ALA G 54 -50.03 7.34 -17.22
C ALA G 54 -51.03 8.24 -16.49
N GLU G 55 -51.81 7.68 -15.56
CA GLU G 55 -52.86 8.47 -14.92
C GLU G 55 -53.08 8.11 -13.46
N THR G 56 -53.87 8.93 -12.79
CA THR G 56 -54.16 8.76 -11.36
C THR G 56 -55.61 8.31 -11.24
N VAL G 57 -55.84 7.17 -10.59
CA VAL G 57 -57.16 6.54 -10.54
C VAL G 57 -57.51 6.05 -9.13
N VAL G 58 -58.70 6.43 -8.65
CA VAL G 58 -59.19 5.91 -7.38
C VAL G 58 -60.22 4.78 -7.64
N LEU G 59 -60.00 3.65 -6.98
CA LEU G 59 -60.88 2.49 -7.12
C LEU G 59 -61.39 2.08 -5.76
N GLU G 60 -62.67 2.31 -5.50
CA GLU G 60 -63.27 1.80 -4.28
C GLU G 60 -63.41 0.26 -4.38
N PRO G 61 -63.83 -0.43 -3.29
CA PRO G 61 -63.96 -1.87 -3.46
C PRO G 61 -64.90 -2.30 -4.59
N GLN G 62 -64.50 -3.35 -5.32
CA GLN G 62 -65.23 -3.97 -6.43
C GLN G 62 -65.34 -3.08 -7.67
N GLU G 63 -64.59 -1.99 -7.68
CA GLU G 63 -64.58 -1.08 -8.80
C GLU G 63 -63.60 -1.54 -9.90
N LYS G 64 -63.96 -1.32 -11.18
CA LYS G 64 -63.16 -1.76 -12.33
C LYS G 64 -62.72 -0.59 -13.21
N ALA G 65 -61.55 -0.71 -13.85
CA ALA G 65 -61.16 0.26 -14.87
C ALA G 65 -60.14 -0.32 -15.86
N VAL G 66 -60.05 0.26 -17.05
CA VAL G 66 -58.93 0.03 -17.95
C VAL G 66 -58.00 1.25 -17.88
N ILE G 67 -56.78 1.06 -17.37
CA ILE G 67 -55.90 2.21 -17.08
C ILE G 67 -54.87 2.47 -18.19
N LYS G 68 -54.92 3.70 -18.70
CA LYS G 68 -54.11 4.13 -19.82
C LYS G 68 -52.62 4.25 -19.47
N THR G 69 -51.78 3.80 -20.39
CA THR G 69 -50.32 3.90 -20.27
C THR G 69 -49.70 4.98 -21.18
N ASP G 70 -50.45 5.42 -22.20
CA ASP G 70 -49.97 6.35 -23.24
C ASP G 70 -48.75 5.80 -23.97
N VAL G 71 -48.72 4.48 -24.13
CA VAL G 71 -47.69 3.82 -24.90
C VAL G 71 -48.33 2.91 -25.94
N ALA G 72 -47.69 2.81 -27.12
CA ALA G 72 -48.11 1.89 -28.18
C ALA G 72 -46.92 1.12 -28.72
N VAL G 73 -47.17 -0.12 -29.15
CA VAL G 73 -46.11 -0.99 -29.62
C VAL G 73 -46.52 -1.69 -30.92
N SER G 74 -45.55 -2.18 -31.67
CA SER G 74 -45.90 -2.91 -32.87
C SER G 74 -45.44 -4.35 -32.76
N ILE G 75 -46.31 -5.23 -32.27
CA ILE G 75 -45.95 -6.63 -32.14
C ILE G 75 -45.85 -7.24 -33.55
N PRO G 76 -44.70 -7.84 -33.87
CA PRO G 76 -44.56 -8.46 -35.20
C PRO G 76 -45.43 -9.71 -35.43
N GLU G 77 -45.74 -9.97 -36.70
CA GLU G 77 -46.51 -11.14 -37.13
C GLU G 77 -45.92 -12.46 -36.58
N GLY G 78 -46.78 -13.34 -36.06
CA GLY G 78 -46.34 -14.60 -35.50
C GLY G 78 -46.20 -14.55 -34.01
N TYR G 79 -46.46 -13.38 -33.42
CA TYR G 79 -46.41 -13.27 -31.96
C TYR G 79 -47.68 -12.73 -31.36
N VAL G 80 -47.78 -12.86 -30.04
CA VAL G 80 -48.79 -12.18 -29.24
C VAL G 80 -48.11 -11.50 -28.04
N GLY G 81 -48.58 -10.33 -27.65
CA GLY G 81 -48.09 -9.66 -26.45
C GLY G 81 -49.01 -9.94 -25.26
N LEU G 82 -48.43 -10.22 -24.11
CA LEU G 82 -49.17 -10.53 -22.90
C LEU G 82 -48.94 -9.43 -21.88
N LEU G 83 -50.02 -8.71 -21.58
CA LEU G 83 -49.97 -7.59 -20.66
C LEU G 83 -50.54 -8.05 -19.32
N THR G 84 -49.65 -8.15 -18.34
CA THR G 84 -49.91 -9.05 -17.22
C THR G 84 -49.31 -8.51 -15.93
N SER G 85 -49.58 -9.19 -14.83
CA SER G 85 -49.28 -8.70 -13.50
C SER G 85 -47.85 -8.96 -13.02
N ARG G 86 -47.52 -8.31 -11.91
CA ARG G 86 -46.22 -8.42 -11.23
C ARG G 86 -46.46 -9.02 -9.84
N SER G 87 -45.54 -9.88 -9.39
CA SER G 87 -45.73 -10.59 -8.12
C SER G 87 -45.91 -9.72 -6.87
N GLY G 88 -45.12 -8.67 -6.73
CA GLY G 88 -45.23 -7.78 -5.59
C GLY G 88 -46.58 -7.09 -5.51
N VAL G 89 -47.10 -6.63 -6.65
CA VAL G 89 -48.37 -5.94 -6.69
C VAL G 89 -49.53 -6.88 -6.40
N SER G 90 -49.58 -8.01 -7.11
CA SER G 90 -50.73 -8.92 -6.94
C SER G 90 -50.75 -9.71 -5.62
N SER G 91 -49.61 -9.89 -4.98
CA SER G 91 -49.64 -10.65 -3.73
C SER G 91 -49.74 -9.74 -2.49
N LYS G 92 -49.46 -8.45 -2.61
CA LYS G 92 -49.58 -7.57 -1.45
C LYS G 92 -50.73 -6.56 -1.52
N THR G 93 -51.51 -6.59 -2.59
CA THR G 93 -52.72 -5.77 -2.71
C THR G 93 -53.90 -6.60 -3.24
N HIS G 94 -55.09 -6.01 -3.22
CA HIS G 94 -56.28 -6.63 -3.81
C HIS G 94 -56.51 -6.25 -5.27
N LEU G 95 -55.55 -5.56 -5.89
CA LEU G 95 -55.67 -5.18 -7.30
C LEU G 95 -55.47 -6.39 -8.21
N VAL G 96 -56.49 -6.72 -9.00
CA VAL G 96 -56.40 -7.89 -9.85
C VAL G 96 -56.34 -7.46 -11.31
N ILE G 97 -55.33 -7.97 -12.01
CA ILE G 97 -55.14 -7.63 -13.41
C ILE G 97 -55.49 -8.83 -14.30
N GLU G 98 -56.37 -8.61 -15.26
CA GLU G 98 -56.72 -9.64 -16.24
C GLU G 98 -55.76 -9.52 -17.44
N THR G 99 -54.97 -10.56 -17.70
CA THR G 99 -54.03 -10.59 -18.81
C THR G 99 -54.68 -10.28 -20.15
N GLY G 100 -54.26 -9.17 -20.74
CA GLY G 100 -54.70 -8.81 -22.07
C GLY G 100 -53.79 -9.45 -23.10
N LYS G 101 -54.41 -9.87 -24.19
CA LYS G 101 -53.74 -10.46 -25.34
C LYS G 101 -53.63 -9.39 -26.43
N ILE G 102 -52.43 -8.88 -26.69
CA ILE G 102 -52.21 -7.84 -27.71
C ILE G 102 -51.92 -8.43 -29.10
N ASP G 103 -52.81 -8.20 -30.06
CA ASP G 103 -52.64 -8.73 -31.42
C ASP G 103 -51.49 -8.03 -32.13
N ALA G 104 -50.87 -8.75 -33.07
CA ALA G 104 -49.94 -8.12 -34.01
C ALA G 104 -50.71 -7.11 -34.85
N GLY G 105 -50.24 -5.89 -34.93
CA GLY G 105 -51.01 -4.88 -35.63
C GLY G 105 -51.99 -4.03 -34.81
N TYR G 106 -52.23 -4.36 -33.53
CA TYR G 106 -52.88 -3.37 -32.67
C TYR G 106 -51.89 -2.24 -32.39
N HIS G 107 -52.26 -1.02 -32.75
CA HIS G 107 -51.34 0.10 -32.63
C HIS G 107 -51.86 1.24 -31.74
N GLY G 108 -52.98 1.02 -31.06
CA GLY G 108 -53.50 2.03 -30.17
C GLY G 108 -52.85 2.06 -28.79
N ASN G 109 -53.41 2.90 -27.92
CA ASN G 109 -52.93 3.05 -26.55
C ASN G 109 -53.08 1.74 -25.79
N LEU G 110 -52.01 1.24 -25.17
CA LEU G 110 -52.10 0.05 -24.30
C LEU G 110 -52.80 0.31 -22.96
N GLY G 111 -53.79 -0.51 -22.65
CA GLY G 111 -54.57 -0.40 -21.42
C GLY G 111 -54.42 -1.60 -20.49
N ILE G 112 -54.39 -1.32 -19.18
CA ILE G 112 -54.29 -2.35 -18.17
C ILE G 112 -55.67 -2.57 -17.54
N ASN G 113 -56.12 -3.82 -17.59
CA ASN G 113 -57.48 -4.21 -17.26
C ASN G 113 -57.51 -4.64 -15.79
N ILE G 114 -58.11 -3.79 -14.94
CA ILE G 114 -57.93 -3.92 -13.50
C ILE G 114 -59.23 -3.86 -12.68
N LYS G 115 -59.27 -4.68 -11.63
CA LYS G 115 -60.32 -4.61 -10.63
C LYS G 115 -59.73 -4.52 -9.23
N ASN G 116 -60.35 -3.73 -8.38
CA ASN G 116 -60.05 -3.80 -6.95
C ASN G 116 -60.95 -4.87 -6.36
N ASP G 117 -60.43 -6.06 -6.02
CA ASP G 117 -61.30 -7.14 -5.56
C ASP G 117 -61.38 -7.25 -4.02
N ALA G 118 -61.03 -6.19 -3.31
CA ALA G 118 -61.48 -6.06 -1.92
C ALA G 118 -63.02 -5.96 -1.85
N ILE G 119 -63.56 -6.43 -0.73
CA ILE G 119 -64.99 -6.38 -0.47
C ILE G 119 -65.24 -5.26 0.53
N ALA G 120 -66.27 -4.45 0.33
CA ALA G 120 -66.60 -3.39 1.29
C ALA G 120 -67.16 -3.93 2.63
N SER G 121 -66.56 -3.52 3.76
CA SER G 121 -66.98 -4.04 5.08
C SER G 121 -68.03 -3.16 5.76
N ASN G 122 -69.30 -3.57 5.66
CA ASN G 122 -70.45 -2.91 6.30
C ASN G 122 -70.44 -1.40 6.11
N GLY G 123 -70.39 -0.69 7.22
CA GLY G 123 -70.06 0.71 7.18
C GLY G 123 -68.60 0.81 6.80
N TYR G 124 -67.73 0.88 7.80
CA TYR G 124 -66.31 1.30 7.71
C TYR G 124 -66.03 2.25 6.60
N ILE G 125 -65.91 3.52 6.94
CA ILE G 125 -65.52 4.54 6.00
C ILE G 125 -64.23 5.19 6.53
N THR G 126 -63.48 5.87 5.67
CA THR G 126 -62.17 6.36 6.01
C THR G 126 -61.72 7.45 5.04
N PRO G 127 -60.82 8.33 5.48
CA PRO G 127 -60.10 9.24 4.58
C PRO G 127 -58.81 8.62 4.05
N GLY G 128 -58.48 7.42 4.51
CA GLY G 128 -57.28 6.74 4.03
C GLY G 128 -57.45 5.98 2.73
N VAL G 129 -56.40 5.93 1.92
CA VAL G 129 -56.39 5.14 0.69
C VAL G 129 -55.12 4.31 0.64
N PHE G 130 -55.21 3.10 0.10
CA PHE G 130 -54.06 2.22 0.01
C PHE G 130 -53.35 2.47 -1.31
N ASP G 131 -52.04 2.26 -1.32
CA ASP G 131 -51.33 2.36 -2.57
C ASP G 131 -50.90 1.00 -3.12
N ILE G 132 -50.09 1.04 -4.19
CA ILE G 132 -49.73 -0.12 -4.95
C ILE G 132 -48.70 -0.97 -4.20
N LYS G 133 -48.21 -0.46 -3.07
CA LYS G 133 -47.30 -1.21 -2.20
C LYS G 133 -47.97 -1.82 -0.99
N GLY G 134 -49.29 -1.65 -0.90
CA GLY G 134 -50.03 -2.11 0.25
C GLY G 134 -50.08 -1.15 1.44
N GLU G 135 -49.48 0.04 1.30
CA GLU G 135 -49.44 1.02 2.37
C GLU G 135 -50.59 2.03 2.31
N ILE G 136 -50.90 2.63 3.46
CA ILE G 136 -51.98 3.61 3.59
C ILE G 136 -51.47 5.05 3.89
N ASP G 137 -52.07 6.04 3.22
CA ASP G 137 -51.80 7.47 3.44
C ASP G 137 -53.13 8.21 3.61
N LEU G 138 -53.11 9.54 3.75
CA LEU G 138 -54.36 10.28 3.99
C LEU G 138 -54.85 11.02 2.74
N SER G 139 -56.13 10.87 2.44
CA SER G 139 -56.72 11.45 1.25
C SER G 139 -57.66 12.64 1.49
N ASP G 140 -58.16 13.20 0.41
CA ASP G 140 -58.95 14.42 0.41
C ASP G 140 -60.41 14.16 0.73
N ALA G 141 -60.82 12.89 0.71
CA ALA G 141 -62.23 12.59 0.86
C ALA G 141 -62.49 11.37 1.72
N ILE G 142 -63.75 11.19 2.08
CA ILE G 142 -64.19 10.05 2.87
C ILE G 142 -64.68 8.98 1.93
N ARG G 143 -64.14 7.76 2.05
CA ARG G 143 -64.58 6.65 1.20
C ARG G 143 -64.65 5.36 1.99
N GLN G 144 -65.14 4.30 1.36
CA GLN G 144 -65.14 2.97 1.97
C GLN G 144 -63.71 2.51 2.33
N TYR G 145 -63.55 1.92 3.52
CA TYR G 145 -62.27 1.30 3.87
C TYR G 145 -61.98 0.20 2.85
N GLY G 146 -60.76 0.21 2.32
CA GLY G 146 -60.36 -0.75 1.30
C GLY G 146 -60.07 -0.16 -0.08
N THR G 147 -60.32 1.14 -0.24
CA THR G 147 -60.07 1.88 -1.47
C THR G 147 -58.59 2.04 -1.81
N TYR G 148 -58.26 1.74 -3.07
CA TYR G 148 -56.91 1.98 -3.58
C TYR G 148 -56.87 3.26 -4.39
N GLN G 149 -55.70 3.88 -4.38
CA GLN G 149 -55.44 4.94 -5.34
C GLN G 149 -54.20 4.62 -6.15
N ILE G 150 -54.35 4.50 -7.46
CA ILE G 150 -53.20 4.33 -8.36
C ILE G 150 -52.68 5.67 -8.86
N ASN G 151 -51.37 5.87 -8.80
CA ASN G 151 -50.79 7.13 -9.22
C ASN G 151 -50.12 7.07 -10.58
N GLU G 152 -50.16 8.19 -11.29
CA GLU G 152 -49.35 8.39 -12.49
C GLU G 152 -47.90 8.02 -12.20
N GLY G 153 -47.33 7.11 -12.99
CA GLY G 153 -45.97 6.64 -12.76
C GLY G 153 -45.83 5.34 -11.95
N ASP G 154 -46.94 4.80 -11.47
CA ASP G 154 -46.92 3.50 -10.78
C ASP G 154 -46.52 2.38 -11.73
N LYS G 155 -45.63 1.53 -11.23
CA LYS G 155 -45.14 0.41 -12.00
C LYS G 155 -46.09 -0.80 -11.85
N LEU G 156 -47.14 -0.79 -12.66
CA LEU G 156 -48.34 -1.60 -12.49
C LEU G 156 -48.31 -2.97 -13.16
N ALA G 157 -47.76 -3.05 -14.37
CA ALA G 157 -47.80 -4.32 -15.10
C ALA G 157 -46.52 -4.67 -15.87
N GLN G 158 -46.46 -5.86 -16.45
CA GLN G 158 -45.47 -6.17 -17.46
C GLN G 158 -45.99 -6.74 -18.77
N LEU G 159 -45.11 -6.66 -19.77
CA LEU G 159 -45.37 -7.10 -21.12
C LEU G 159 -44.46 -8.29 -21.48
N VAL G 160 -45.08 -9.42 -21.78
CA VAL G 160 -44.29 -10.59 -22.16
C VAL G 160 -44.75 -11.02 -23.56
N ILE G 161 -43.79 -11.24 -24.46
CA ILE G 161 -44.12 -11.53 -25.85
C ILE G 161 -43.75 -12.97 -26.19
N VAL G 162 -44.70 -13.76 -26.67
CA VAL G 162 -44.45 -15.18 -26.96
C VAL G 162 -44.87 -15.48 -28.40
N PRO G 163 -44.20 -16.47 -29.05
CA PRO G 163 -44.56 -16.84 -30.44
C PRO G 163 -45.90 -17.59 -30.47
N ILE G 164 -46.56 -17.64 -31.63
CA ILE G 164 -47.84 -18.32 -31.74
C ILE G 164 -47.96 -19.18 -33.01
N TRP G 165 -48.83 -20.17 -32.95
CA TRP G 165 -49.21 -20.96 -34.09
C TRP G 165 -50.55 -20.47 -34.61
N THR G 166 -50.65 -20.10 -35.88
CA THR G 166 -51.94 -19.66 -36.41
C THR G 166 -52.35 -20.39 -37.67
N PRO G 167 -52.79 -21.66 -37.54
CA PRO G 167 -53.19 -22.54 -38.64
C PRO G 167 -54.56 -22.25 -39.25
N GLU G 168 -54.82 -22.93 -40.35
CA GLU G 168 -56.11 -22.95 -41.00
C GLU G 168 -56.94 -23.99 -40.27
N LEU G 169 -58.25 -23.80 -40.20
CA LEU G 169 -59.07 -24.81 -39.53
C LEU G 169 -59.60 -25.82 -40.53
N LYS G 170 -59.58 -27.09 -40.15
CA LYS G 170 -60.29 -28.11 -40.93
C LYS G 170 -61.29 -28.89 -40.07
N GLN G 171 -62.53 -28.93 -40.53
CA GLN G 171 -63.53 -29.77 -39.89
C GLN G 171 -63.35 -31.24 -40.27
N VAL G 172 -63.44 -32.12 -39.28
CA VAL G 172 -63.35 -33.58 -39.51
C VAL G 172 -64.45 -34.32 -38.77
N GLU G 173 -64.85 -35.48 -39.29
CA GLU G 173 -65.85 -36.33 -38.63
C GLU G 173 -65.21 -37.10 -37.49
N GLU G 174 -63.99 -37.57 -37.73
CA GLU G 174 -63.18 -38.20 -36.70
C GLU G 174 -61.75 -37.64 -36.79
N PHE G 175 -61.03 -37.62 -35.67
CA PHE G 175 -59.65 -37.15 -35.66
C PHE G 175 -58.80 -38.16 -36.37
N GLU G 176 -57.64 -37.72 -36.84
CA GLU G 176 -56.79 -38.60 -37.61
C GLU G 176 -55.31 -38.18 -37.54
N SER G 177 -54.43 -39.15 -37.73
CA SER G 177 -53.01 -38.92 -37.47
C SER G 177 -52.38 -37.91 -38.43
N VAL G 178 -51.47 -37.09 -37.90
CA VAL G 178 -50.79 -36.05 -38.68
C VAL G 178 -49.69 -36.65 -39.56
N GLU H 10 -36.17 15.14 -27.93
CA GLU H 10 -34.94 15.64 -27.32
C GLU H 10 -35.01 15.62 -25.78
N LEU H 11 -34.08 14.91 -25.17
CA LEU H 11 -34.00 14.82 -23.70
C LEU H 11 -33.33 16.05 -23.10
N PRO H 12 -33.58 16.31 -21.80
CA PRO H 12 -32.92 17.41 -21.07
C PRO H 12 -31.39 17.37 -21.17
N THR H 13 -30.78 18.52 -20.94
CA THR H 13 -29.34 18.65 -21.14
C THR H 13 -28.50 18.12 -19.99
N HIS H 14 -29.10 17.92 -18.82
CA HIS H 14 -28.36 17.40 -17.68
C HIS H 14 -27.92 15.95 -17.89
N TYR H 15 -28.46 15.30 -18.91
CA TYR H 15 -28.03 13.97 -19.29
C TYR H 15 -26.56 13.96 -19.69
N GLY H 16 -26.06 15.13 -20.08
CA GLY H 16 -24.67 15.25 -20.48
C GLY H 16 -23.75 15.04 -19.29
N THR H 17 -24.14 15.65 -18.17
CA THR H 17 -23.39 15.52 -16.93
C THR H 17 -23.48 14.07 -16.46
N ILE H 18 -24.69 13.52 -16.46
CA ILE H 18 -24.91 12.12 -16.05
C ILE H 18 -24.01 11.14 -16.79
N ILE H 19 -23.84 11.33 -18.10
CA ILE H 19 -23.02 10.42 -18.88
C ILE H 19 -21.52 10.64 -18.64
N LYS H 20 -21.11 11.90 -18.46
CA LYS H 20 -19.70 12.18 -18.20
C LYS H 20 -19.28 11.55 -16.89
N THR H 21 -20.03 11.87 -15.82
CA THR H 21 -19.68 11.44 -14.46
C THR H 21 -19.67 9.91 -14.38
N LEU H 22 -20.60 9.27 -15.11
CA LEU H 22 -20.71 7.80 -15.17
C LEU H 22 -19.55 7.22 -15.94
N ARG H 23 -19.25 7.79 -17.10
CA ARG H 23 -18.08 7.37 -17.89
C ARG H 23 -16.83 7.38 -17.02
N LYS H 24 -16.66 8.44 -16.24
CA LYS H 24 -15.48 8.59 -15.41
C LYS H 24 -15.46 7.54 -14.32
N TYR H 25 -16.61 7.30 -13.69
CA TYR H 25 -16.72 6.30 -12.62
C TYR H 25 -16.34 4.89 -13.08
N MET H 26 -16.71 4.55 -14.31
CA MET H 26 -16.40 3.24 -14.89
C MET H 26 -14.98 3.14 -15.45
N LYS H 27 -14.19 4.19 -15.23
CA LYS H 27 -12.79 4.24 -15.66
C LYS H 27 -12.68 3.98 -17.17
N LEU H 28 -13.43 4.76 -17.95
CA LEU H 28 -13.40 4.67 -19.40
C LEU H 28 -13.09 6.03 -20.04
N THR H 29 -12.32 6.02 -21.12
CA THR H 29 -12.03 7.25 -21.84
C THR H 29 -13.08 7.52 -22.89
N GLN H 30 -13.22 8.78 -23.31
CA GLN H 30 -14.11 9.13 -24.40
C GLN H 30 -13.85 8.29 -25.65
N SER H 31 -12.59 7.93 -25.88
CA SER H 31 -12.25 7.14 -27.05
C SER H 31 -12.69 5.69 -26.85
N LYS H 32 -12.50 5.18 -25.64
CA LYS H 32 -12.85 3.79 -25.31
C LYS H 32 -14.35 3.57 -25.27
N LEU H 33 -15.09 4.59 -24.85
CA LEU H 33 -16.54 4.51 -24.86
C LEU H 33 -17.07 4.44 -26.28
N SER H 34 -16.47 5.22 -27.17
CA SER H 34 -16.85 5.27 -28.58
C SER H 34 -16.62 3.91 -29.21
N GLU H 35 -15.53 3.27 -28.77
CA GLU H 35 -15.16 1.96 -29.28
C GLU H 35 -16.23 0.93 -28.93
N ARG H 36 -16.89 1.14 -27.79
CA ARG H 36 -17.95 0.25 -27.37
C ARG H 36 -19.32 0.73 -27.82
N THR H 37 -19.49 2.03 -28.01
CA THR H 37 -20.82 2.54 -28.37
C THR H 37 -20.99 2.69 -29.88
N GLY H 38 -19.93 3.13 -30.55
CA GLY H 38 -20.02 3.41 -31.97
C GLY H 38 -20.40 4.84 -32.29
N PHE H 39 -20.27 5.74 -31.32
CA PHE H 39 -20.44 7.16 -31.56
C PHE H 39 -19.09 7.74 -31.95
N SER H 40 -19.11 8.94 -32.52
CA SER H 40 -17.88 9.64 -32.80
C SER H 40 -17.46 10.34 -31.51
N GLN H 41 -16.14 10.40 -31.30
CA GLN H 41 -15.58 11.08 -30.13
C GLN H 41 -16.09 12.52 -30.07
N ASN H 42 -16.24 13.12 -31.24
CA ASN H 42 -16.82 14.46 -31.33
C ASN H 42 -18.26 14.50 -30.83
N THR H 43 -19.04 13.48 -31.20
CA THR H 43 -20.45 13.36 -30.77
C THR H 43 -20.53 13.19 -29.25
N ILE H 44 -19.66 12.36 -28.70
CA ILE H 44 -19.65 12.11 -27.26
C ILE H 44 -19.35 13.39 -26.48
N SER H 45 -18.32 14.11 -26.93
CA SER H 45 -17.93 15.36 -26.31
C SER H 45 -19.04 16.41 -26.36
N ASN H 46 -19.71 16.50 -27.50
CA ASN H 46 -20.83 17.41 -27.64
C ASN H 46 -21.98 17.01 -26.75
N HIS H 47 -22.23 15.70 -26.67
CA HIS H 47 -23.25 15.16 -25.77
C HIS H 47 -22.99 15.59 -24.34
N GLU H 48 -21.76 15.35 -23.88
CA GLU H 48 -21.41 15.69 -22.50
C GLU H 48 -21.33 17.20 -22.26
N ASN H 49 -20.93 17.96 -23.28
CA ASN H 49 -20.77 19.40 -23.12
C ASN H 49 -22.11 20.14 -23.11
N GLY H 50 -23.12 19.52 -23.68
CA GLY H 50 -24.46 20.10 -23.73
C GLY H 50 -24.76 20.68 -25.10
N ASN H 51 -23.87 20.40 -26.05
CA ASN H 51 -24.00 20.89 -27.41
C ASN H 51 -25.18 20.23 -28.10
N ARG H 52 -24.99 18.95 -28.44
CA ARG H 52 -26.07 18.12 -28.96
C ARG H 52 -27.03 17.70 -27.86
N ASN H 53 -28.33 17.77 -28.13
CA ASN H 53 -29.29 17.12 -27.26
C ASN H 53 -29.23 15.63 -27.55
N ILE H 54 -29.60 14.83 -26.54
CA ILE H 54 -29.55 13.37 -26.68
C ILE H 54 -30.98 12.83 -26.76
N GLY H 55 -31.17 11.74 -27.52
CA GLY H 55 -32.48 11.14 -27.68
C GLY H 55 -32.65 9.95 -26.77
N VAL H 56 -33.89 9.46 -26.60
CA VAL H 56 -34.11 8.24 -25.79
C VAL H 56 -33.38 7.03 -26.37
N ASN H 57 -33.41 6.88 -27.68
CA ASN H 57 -32.70 5.77 -28.29
C ASN H 57 -31.19 5.83 -28.07
N GLU H 58 -30.66 7.01 -27.82
CA GLU H 58 -29.23 7.14 -27.67
C GLU H 58 -28.83 6.73 -26.26
N ILE H 59 -29.73 7.02 -25.33
CA ILE H 59 -29.57 6.63 -23.94
C ILE H 59 -29.51 5.11 -23.78
N GLU H 60 -30.24 4.38 -24.62
CA GLU H 60 -30.20 2.92 -24.58
C GLU H 60 -28.82 2.39 -24.97
N ILE H 61 -28.15 3.13 -25.85
CA ILE H 61 -26.85 2.71 -26.37
C ILE H 61 -25.73 3.03 -25.38
N TYR H 62 -25.83 4.20 -24.73
CA TYR H 62 -24.87 4.55 -23.70
C TYR H 62 -24.89 3.54 -22.55
N GLY H 63 -26.09 3.16 -22.12
CA GLY H 63 -26.25 2.18 -21.07
C GLY H 63 -25.50 0.91 -21.39
N LYS H 64 -25.64 0.42 -22.62
CA LYS H 64 -25.03 -0.84 -23.01
C LYS H 64 -23.52 -0.71 -22.99
N GLY H 65 -23.04 0.45 -23.45
CA GLY H 65 -21.60 0.69 -23.50
C GLY H 65 -20.97 0.89 -22.14
N LEU H 66 -21.72 1.53 -21.23
CA LEU H 66 -21.27 1.73 -19.86
C LEU H 66 -21.40 0.48 -18.98
N GLY H 67 -22.18 -0.51 -19.45
CA GLY H 67 -22.47 -1.67 -18.64
C GLY H 67 -23.40 -1.33 -17.47
N ILE H 68 -24.26 -0.35 -17.68
CA ILE H 68 -25.29 0.02 -16.72
C ILE H 68 -26.69 -0.06 -17.37
N PRO H 69 -27.68 -0.69 -16.68
CA PRO H 69 -29.06 -0.72 -17.18
C PRO H 69 -29.59 0.69 -17.47
N SER H 70 -30.06 0.93 -18.69
CA SER H 70 -30.45 2.28 -19.14
C SER H 70 -31.44 3.00 -18.23
N TYR H 71 -32.39 2.26 -17.68
CA TYR H 71 -33.45 2.84 -16.86
C TYR H 71 -32.87 3.59 -15.66
N ILE H 72 -31.72 3.13 -15.16
CA ILE H 72 -31.07 3.80 -14.05
C ILE H 72 -30.70 5.26 -14.42
N LEU H 73 -30.24 5.51 -15.65
CA LEU H 73 -29.93 6.89 -16.07
C LEU H 73 -31.16 7.80 -16.02
N HIS H 74 -32.31 7.26 -16.40
CA HIS H 74 -33.55 8.03 -16.33
C HIS H 74 -33.94 8.30 -14.87
N ARG H 75 -33.66 7.36 -13.97
CA ARG H 75 -34.02 7.55 -12.55
C ARG H 75 -33.18 8.65 -11.93
N ILE H 76 -31.90 8.69 -12.32
CA ILE H 76 -30.99 9.73 -11.87
C ILE H 76 -31.51 11.08 -12.36
N SER H 77 -31.86 11.13 -13.63
CA SER H 77 -32.42 12.35 -14.19
C SER H 77 -33.69 12.78 -13.44
N ASP H 78 -34.55 11.84 -13.05
CA ASP H 78 -35.74 12.18 -12.26
C ASP H 78 -35.38 12.80 -10.91
N GLU H 79 -34.24 12.41 -10.34
CA GLU H 79 -33.76 13.05 -9.12
C GLU H 79 -33.35 14.50 -9.38
N PHE H 80 -32.72 14.76 -10.53
CA PHE H 80 -32.36 16.11 -10.93
C PHE H 80 -33.60 17.01 -10.99
N LYS H 81 -34.71 16.45 -11.42
CA LYS H 81 -35.92 17.23 -11.66
C LYS H 81 -36.68 17.52 -10.39
N GLU H 82 -36.61 16.60 -9.43
CA GLU H 82 -37.35 16.75 -8.18
C GLU H 82 -36.63 17.71 -7.25
N LYS H 83 -35.36 17.43 -7.01
CA LYS H 83 -34.47 18.40 -6.37
C LYS H 83 -33.82 19.20 -7.49
N GLY H 84 -32.54 19.52 -7.38
CA GLY H 84 -31.80 20.16 -8.48
C GLY H 84 -30.51 19.42 -8.74
N TYR H 85 -30.38 18.27 -8.09
CA TYR H 85 -29.17 17.46 -8.15
C TYR H 85 -29.53 16.02 -7.83
N SER H 86 -28.55 15.13 -7.97
CA SER H 86 -28.79 13.72 -7.78
C SER H 86 -27.88 13.14 -6.69
N PRO H 87 -28.44 12.92 -5.50
CA PRO H 87 -27.70 12.28 -4.40
C PRO H 87 -27.13 10.92 -4.82
N THR H 88 -27.92 10.18 -5.59
CA THR H 88 -27.53 8.87 -6.08
C THR H 88 -26.29 8.98 -6.96
N LEU H 89 -26.29 9.96 -7.85
CA LEU H 89 -25.16 10.18 -8.74
C LEU H 89 -23.94 10.59 -7.95
N ASN H 90 -24.15 11.45 -6.96
CA ASN H 90 -23.07 11.86 -6.06
C ASN H 90 -22.43 10.69 -5.32
N ASP H 91 -23.25 9.80 -4.76
CA ASP H 91 -22.71 8.67 -4.04
C ASP H 91 -22.89 7.37 -4.83
N PHE H 92 -22.51 7.40 -6.10
CA PHE H 92 -22.81 6.27 -6.98
C PHE H 92 -22.08 5.01 -6.59
N GLY H 93 -20.94 5.14 -5.91
CA GLY H 93 -20.18 3.98 -5.52
C GLY H 93 -20.95 3.13 -4.51
N LYS H 94 -21.63 3.81 -3.59
CA LYS H 94 -22.43 3.14 -2.57
C LYS H 94 -23.66 2.47 -3.20
N PHE H 95 -24.27 3.19 -4.15
CA PHE H 95 -25.41 2.65 -4.88
C PHE H 95 -25.02 1.37 -5.62
N ASP H 96 -23.84 1.38 -6.23
CA ASP H 96 -23.34 0.20 -6.93
C ASP H 96 -23.24 -0.99 -6.00
N LYS H 97 -22.55 -0.80 -4.88
CA LYS H 97 -22.36 -1.89 -3.94
C LYS H 97 -23.71 -2.44 -3.49
N MET H 98 -24.58 -1.56 -3.00
CA MET H 98 -25.89 -1.97 -2.50
C MET H 98 -26.85 -2.60 -3.56
N TYR H 99 -26.94 -2.00 -4.75
CA TYR H 99 -27.71 -2.56 -5.87
C TYR H 99 -27.31 -3.99 -6.21
N SER H 100 -26.08 -4.37 -5.90
CA SER H 100 -25.60 -5.70 -6.24
C SER H 100 -26.07 -6.74 -5.21
N TYR H 101 -26.06 -6.36 -3.95
CA TYR H 101 -26.67 -7.18 -2.92
C TYR H 101 -28.13 -7.35 -3.25
N VAL H 102 -28.81 -6.23 -3.52
CA VAL H 102 -30.25 -6.25 -3.77
C VAL H 102 -30.62 -7.20 -4.92
N ASN H 103 -29.81 -7.20 -5.98
CA ASN H 103 -30.10 -8.08 -7.11
C ASN H 103 -29.89 -9.53 -6.80
N LYS H 104 -28.85 -9.82 -6.00
CA LYS H 104 -28.55 -11.18 -5.58
C LYS H 104 -29.66 -11.72 -4.71
N ALA H 105 -30.25 -10.84 -3.90
CA ALA H 105 -31.36 -11.25 -3.05
C ALA H 105 -32.61 -11.56 -3.91
N TYR H 106 -32.98 -10.65 -4.82
CA TYR H 106 -34.16 -10.84 -5.67
C TYR H 106 -34.15 -12.14 -6.46
N TYR H 107 -32.99 -12.52 -6.98
CA TYR H 107 -32.90 -13.71 -7.81
C TYR H 107 -32.57 -14.98 -7.03
N ASN H 108 -32.43 -14.90 -5.71
CA ASN H 108 -32.09 -16.10 -4.92
C ASN H 108 -32.94 -16.37 -3.66
N ASP H 109 -33.81 -15.43 -3.29
CA ASP H 109 -34.65 -15.56 -2.11
C ASP H 109 -36.14 -15.27 -2.38
N GLY H 110 -36.98 -16.29 -2.20
CA GLY H 110 -38.42 -16.16 -2.38
C GLY H 110 -39.12 -14.98 -1.70
N ASP H 111 -38.69 -14.62 -0.49
CA ASP H 111 -39.32 -13.51 0.24
C ASP H 111 -39.10 -12.19 -0.48
N ILE H 112 -37.97 -12.08 -1.15
CA ILE H 112 -37.72 -10.87 -1.90
C ILE H 112 -38.39 -10.94 -3.27
N TYR H 113 -38.22 -12.07 -3.96
CA TYR H 113 -38.67 -12.20 -5.35
C TYR H 113 -40.16 -11.92 -5.53
N TYR H 114 -40.97 -12.45 -4.62
CA TYR H 114 -42.43 -12.32 -4.68
C TYR H 114 -43.02 -11.09 -4.00
N SER H 115 -42.20 -10.34 -3.27
CA SER H 115 -42.73 -9.17 -2.58
C SER H 115 -42.23 -7.83 -3.12
N SER H 116 -41.08 -7.86 -3.79
CA SER H 116 -40.43 -6.63 -4.25
C SER H 116 -41.32 -5.79 -5.17
N TYR H 117 -41.22 -4.47 -5.04
CA TYR H 117 -41.97 -3.57 -5.92
C TYR H 117 -41.03 -2.86 -6.94
N ASP H 118 -39.91 -2.32 -6.47
CA ASP H 118 -38.96 -1.64 -7.36
C ASP H 118 -37.55 -1.73 -6.81
N LEU H 119 -36.67 -2.45 -7.49
CA LEU H 119 -35.33 -2.71 -6.98
C LEU H 119 -34.52 -1.42 -6.74
N TYR H 120 -34.68 -0.42 -7.62
CA TYR H 120 -33.97 0.85 -7.47
C TYR H 120 -34.43 1.58 -6.20
N ASP H 121 -35.73 1.85 -6.10
CA ASP H 121 -36.23 2.53 -4.90
C ASP H 121 -35.85 1.75 -3.64
N GLU H 122 -35.85 0.42 -3.73
CA GLU H 122 -35.53 -0.40 -2.58
C GLU H 122 -34.06 -0.32 -2.16
N THR H 123 -33.18 -0.15 -3.13
CA THR H 123 -31.75 0.05 -2.91
C THR H 123 -31.50 1.36 -2.17
N ILE H 124 -32.25 2.38 -2.55
CA ILE H 124 -32.14 3.69 -1.98
C ILE H 124 -32.69 3.75 -0.54
N LYS H 125 -33.78 3.04 -0.26
CA LYS H 125 -34.33 3.07 1.08
C LYS H 125 -33.39 2.36 2.05
N LEU H 126 -32.67 1.35 1.53
CA LEU H 126 -31.70 0.62 2.35
C LEU H 126 -30.48 1.48 2.67
N LEU H 127 -30.02 2.25 1.69
CA LEU H 127 -28.95 3.19 1.92
C LEU H 127 -29.40 4.29 2.90
N GLU H 128 -30.56 4.87 2.67
CA GLU H 128 -31.07 5.94 3.55
C GLU H 128 -31.23 5.47 5.00
N LEU H 129 -31.69 4.24 5.20
CA LEU H 129 -31.73 3.67 6.55
C LEU H 129 -30.35 3.55 7.22
N LEU H 130 -29.35 3.14 6.45
CA LEU H 130 -27.99 3.06 6.98
C LEU H 130 -27.45 4.42 7.37
N LYS H 131 -27.68 5.41 6.51
CA LYS H 131 -27.19 6.76 6.72
C LYS H 131 -27.79 7.33 8.00
N GLU H 132 -29.04 7.01 8.27
CA GLU H 132 -29.75 7.55 9.43
C GLU H 132 -29.22 6.94 10.73
N SER H 133 -28.51 5.83 10.62
CA SER H 133 -27.89 5.21 11.79
C SER H 133 -26.36 5.18 11.70
N LYS H 134 -25.82 6.09 10.89
CA LYS H 134 -24.38 6.31 10.80
C LYS H 134 -23.60 5.00 10.61
N ILE H 135 -24.14 4.11 9.76
CA ILE H 135 -23.48 2.84 9.45
C ILE H 135 -22.86 2.88 8.05
N ASN H 136 -21.63 2.38 7.94
CA ASN H 136 -20.91 2.42 6.69
C ASN H 136 -21.16 1.16 5.86
N VAL H 137 -21.56 1.36 4.61
CA VAL H 137 -21.91 0.28 3.70
C VAL H 137 -20.77 -0.71 3.54
N ASN H 138 -19.53 -0.24 3.65
CA ASN H 138 -18.37 -1.09 3.45
C ASN H 138 -18.14 -2.07 4.59
N ASP H 139 -18.70 -1.79 5.76
CA ASP H 139 -18.47 -2.60 6.94
C ASP H 139 -19.58 -3.61 7.24
N ILE H 140 -20.44 -3.90 6.26
CA ILE H 140 -21.50 -4.90 6.41
C ILE H 140 -21.56 -5.89 5.25
N ASP H 141 -22.23 -7.02 5.47
CA ASP H 141 -22.28 -8.10 4.49
C ASP H 141 -23.69 -8.45 4.00
N TYR H 142 -23.74 -9.33 3.00
CA TYR H 142 -24.99 -9.78 2.38
C TYR H 142 -26.08 -10.16 3.38
N ASP H 143 -25.74 -10.94 4.38
CA ASP H 143 -26.75 -11.45 5.31
C ASP H 143 -27.39 -10.37 6.17
N TYR H 144 -26.63 -9.32 6.48
CA TYR H 144 -27.19 -8.20 7.23
C TYR H 144 -28.20 -7.42 6.38
N VAL H 145 -27.87 -7.26 5.11
CA VAL H 145 -28.73 -6.50 4.20
C VAL H 145 -30.02 -7.28 3.99
N LEU H 146 -29.89 -8.58 3.76
CA LEU H 146 -31.01 -9.47 3.52
C LEU H 146 -32.07 -9.44 4.62
N LYS H 147 -31.60 -9.46 5.87
CA LYS H 147 -32.50 -9.37 7.01
C LYS H 147 -33.24 -8.03 7.01
N LEU H 148 -32.50 -6.96 6.73
CA LEU H 148 -33.08 -5.62 6.73
C LEU H 148 -34.08 -5.44 5.57
N TYR H 149 -33.69 -5.95 4.41
CA TYR H 149 -34.49 -5.85 3.20
C TYR H 149 -35.85 -6.54 3.40
N LYS H 150 -35.86 -7.70 4.06
CA LYS H 150 -37.12 -8.36 4.37
C LYS H 150 -37.96 -7.53 5.31
N GLN H 151 -37.30 -6.73 6.16
CA GLN H 151 -38.04 -5.94 7.13
C GLN H 151 -38.82 -4.84 6.42
N ILE H 152 -38.20 -4.25 5.40
CA ILE H 152 -38.84 -3.12 4.72
C ILE H 152 -39.89 -3.60 3.71
N LEU H 153 -39.92 -4.90 3.41
CA LEU H 153 -40.96 -5.44 2.55
C LEU H 153 -42.19 -6.05 3.25
N SER H 154 -42.20 -6.06 4.58
CA SER H 154 -43.39 -6.49 5.31
C SER H 154 -44.28 -5.31 5.70
MG MG I . 12.10 -12.94 17.88
NI NI J . -7.15 -5.54 6.02
NI NI K . 20.06 8.93 23.39
C1 PEG L . 19.06 -11.32 12.58
O1 PEG L . 18.65 -12.22 13.50
C2 PEG L . 20.14 -10.34 13.19
O2 PEG L . 20.24 -9.21 12.32
C3 PEG L . 18.94 -8.59 11.98
C4 PEG L . 19.11 -7.26 11.18
O4 PEG L . 19.08 -6.03 11.95
C1 PEG M . 25.01 -18.37 12.16
O1 PEG M . 24.70 -18.09 10.87
C2 PEG M . 24.10 -17.50 13.04
O2 PEG M . 24.61 -17.54 14.31
C3 PEG M . 24.66 -18.85 14.79
C4 PEG M . 24.08 -18.86 16.21
O4 PEG M . 25.05 -18.35 17.05
C1 PEG N . 35.56 -3.80 -9.91
O1 PEG N . 34.43 -4.59 -9.95
C2 PEG N . 35.93 -3.52 -8.42
O2 PEG N . 36.12 -2.15 -8.27
C3 PEG N . 34.96 -1.44 -8.54
C4 PEG N . 34.94 -0.25 -7.60
O4 PEG N . 33.64 0.06 -7.36
NI NI O . 25.88 -7.17 32.70
C1 PEG P . 44.22 2.77 -2.05
O1 PEG P . 45.57 2.63 -1.92
C2 PEG P . 43.93 3.19 -3.50
O2 PEG P . 45.14 3.46 -4.10
C3 PEG P . 45.07 3.46 -5.49
C4 PEG P . 46.38 4.06 -6.07
O4 PEG P . 46.02 5.03 -7.00
C1 PEG Q . 7.14 -11.27 12.43
O1 PEG Q . 8.33 -10.61 12.76
C2 PEG Q . 7.42 -12.66 11.80
O2 PEG Q . 6.88 -12.71 10.48
C3 PEG Q . 7.80 -12.26 9.41
C4 PEG Q . 7.63 -10.69 9.21
O4 PEG Q . 8.55 -10.22 8.35
C1 PEG R . 0.79 -18.69 11.42
O1 PEG R . 1.99 -18.03 11.25
C2 PEG R . -0.16 -17.75 12.14
O2 PEG R . -0.55 -16.77 11.23
C3 PEG R . -0.35 -15.46 11.67
C4 PEG R . -1.71 -14.73 11.55
O4 PEG R . -2.45 -15.06 12.67
NI NI S . 3.26 -22.58 12.98
MG MG T . -64.11 -11.86 -5.71
C1 PEG U . -43.25 4.85 -8.36
O1 PEG U . -44.23 4.05 -7.77
C2 PEG U . -42.39 3.94 -9.27
O2 PEG U . -41.22 4.62 -9.61
C3 PEG U . -40.97 4.60 -10.98
C4 PEG U . -40.53 6.02 -11.44
O4 PEG U . -41.46 6.90 -10.94
NI NI V . -24.43 -1.44 -11.70
#